data_1FV3
#
_entry.id   1FV3
#
_cell.length_a   91.311
_cell.length_b   53.068
_cell.length_c   118.278
_cell.angle_alpha   90.00
_cell.angle_beta   89.78
_cell.angle_gamma   90.00
#
_symmetry.space_group_name_H-M   'P 1 21 1'
#
loop_
_entity.id
_entity.type
_entity.pdbx_description
1 polymer 'TETANUS TOXIN HEAVY CHAIN'
2 branched 'N-acetyl-alpha-neuraminic acid-(2-3)-beta-D-galactopyranose-(1-3)-2-acetamido-2-deoxy-beta-D-galactopyranose-(1-4)-[N-acetyl-alpha-neuraminic acid-(2-8)-N-acetyl-beta-neuraminic acid-(2-3)]beta-D-galactopyranose-(1-4)-beta-D-glucopyranose'
3 non-polymer ETHYL-TRIMETHYL-SILANE
4 non-polymer 'PHOSPHATE ION'
5 water water
#
_entity_poly.entity_id   1
_entity_poly.type   'polypeptide(L)'
_entity_poly.pdbx_seq_one_letter_code
;MGSSHHHHHHSSGLVPRGSHMKNLDCWVDNEEDIDVILKKSTILNLDINNDIISDISGFNSSVITYPDAQLVPGINGKAI
HLVNNESSEVIVHKAMDIEYNDMFNNFTVSFWLRVPKVSASHLEQYGTNEYSIISSMKKHSLSIGSGWSVSLKGNNLIWT
LKDSAGEVRQITFRDLPDKFNAYLANKWVFITITNDRLSSANLYINGVLMGSAEITGLGAIREDNNITLKLDRCNNNNQY
VSIDKFRIFCKALNPKEIEKLYTSYLSITFLRDFWGNPLRYDTEYYLIPVASSSKDVQLKNITDYMYLTNAPSYTNGKLN
IYYRRLYNGLKFIIKRYTPNNEIDSFVKSGDFIKLYVSYNNNEHIVGYPKDGNAFNNLDRILRVGYNAPGIPLYKKMEAV
KLRDLKTYSVQLKLYDDKNASLGLVGTHNGQIGNDPNRDILIASNWYFNHLKDKILGCDWYFVPTDEGWTND
;
_entity_poly.pdbx_strand_id   A,B
#
loop_
_chem_comp.id
_chem_comp.type
_chem_comp.name
_chem_comp.formula
BGC D-saccharide, beta linking beta-D-glucopyranose 'C6 H12 O6'
CEQ non-polymer ETHYL-TRIMETHYL-SILANE 'C5 H14 Si'
GAL D-saccharide, beta linking beta-D-galactopyranose 'C6 H12 O6'
NGA D-saccharide, beta linking 2-acetamido-2-deoxy-beta-D-galactopyranose 'C8 H15 N O6'
PO4 non-polymer 'PHOSPHATE ION' 'O4 P -3'
SIA D-saccharide, alpha linking 'N-acetyl-alpha-neuraminic acid' 'C11 H19 N O9'
SLB D-saccharide, beta linking 'N-acetyl-beta-neuraminic acid' 'C11 H19 N O9'
#
# COMPACT_ATOMS: atom_id res chain seq x y z
N LYS A 22 -50.14 9.26 2.33
CA LYS A 22 -50.47 7.86 2.73
C LYS A 22 -51.30 7.09 1.67
N ASN A 23 -51.87 7.82 0.69
CA ASN A 23 -52.48 7.26 -0.53
C ASN A 23 -51.95 5.92 -1.10
N LEU A 24 -50.62 5.75 -1.16
CA LEU A 24 -50.02 4.49 -1.65
C LEU A 24 -49.41 3.62 -0.54
N ASP A 25 -49.48 4.10 0.70
CA ASP A 25 -49.00 3.34 1.85
C ASP A 25 -49.84 2.05 2.02
N CYS A 26 -49.40 1.16 2.91
CA CYS A 26 -50.11 -0.10 3.03
C CYS A 26 -51.31 -0.07 3.96
N TRP A 27 -51.08 -0.12 5.26
CA TRP A 27 -52.20 -0.30 6.20
C TRP A 27 -53.11 0.91 6.27
N VAL A 28 -54.34 0.66 6.70
CA VAL A 28 -55.41 1.66 6.71
C VAL A 28 -56.15 1.73 8.03
N ASP A 29 -55.45 1.79 9.16
CA ASP A 29 -56.15 1.77 10.44
C ASP A 29 -56.05 3.03 11.30
N ASN A 30 -54.97 3.21 12.07
CA ASN A 30 -54.89 4.40 12.94
C ASN A 30 -53.55 5.15 12.95
N GLU A 31 -53.56 6.27 12.22
CA GLU A 31 -52.41 7.14 12.01
C GLU A 31 -51.88 7.94 13.22
N GLU A 32 -51.97 7.40 14.43
CA GLU A 32 -51.42 8.15 15.56
C GLU A 32 -50.33 7.43 16.38
N ASP A 33 -50.43 6.11 16.59
CA ASP A 33 -49.48 5.43 17.48
C ASP A 33 -48.26 4.76 16.81
N ILE A 34 -47.18 5.54 16.70
CA ILE A 34 -45.94 5.13 16.05
C ILE A 34 -45.42 3.79 16.44
N ASP A 35 -45.67 3.38 17.65
CA ASP A 35 -45.09 2.14 18.10
C ASP A 35 -45.85 1.11 17.30
N VAL A 36 -47.15 1.15 17.46
CA VAL A 36 -48.06 0.21 16.81
C VAL A 36 -47.98 0.31 15.30
N ILE A 37 -47.66 1.49 14.76
CA ILE A 37 -47.54 1.63 13.31
C ILE A 37 -46.34 0.84 12.78
N LEU A 38 -45.22 0.86 13.51
CA LEU A 38 -44.03 0.14 13.05
C LEU A 38 -44.33 -1.34 12.96
N LYS A 39 -44.99 -1.88 13.98
CA LYS A 39 -45.32 -3.28 13.97
C LYS A 39 -46.24 -3.59 12.79
N LYS A 40 -47.48 -3.11 12.86
CA LYS A 40 -48.51 -3.40 11.85
C LYS A 40 -48.06 -3.29 10.39
N SER A 41 -47.14 -2.38 10.12
CA SER A 41 -46.69 -2.09 8.76
C SER A 41 -45.43 -2.84 8.37
N THR A 42 -44.92 -3.66 9.27
CA THR A 42 -43.72 -4.37 8.97
C THR A 42 -44.10 -5.60 8.18
N ILE A 43 -43.34 -5.89 7.12
CA ILE A 43 -43.63 -7.04 6.26
C ILE A 43 -42.50 -8.07 6.18
N LEU A 44 -41.33 -7.71 6.68
CA LEU A 44 -40.23 -8.65 6.73
C LEU A 44 -39.36 -8.20 7.89
N ASN A 45 -38.91 -9.15 8.71
CA ASN A 45 -38.10 -8.78 9.88
C ASN A 45 -37.04 -9.81 10.34
N LEU A 46 -35.79 -9.62 9.93
CA LEU A 46 -34.71 -10.53 10.28
C LEU A 46 -34.23 -10.41 11.71
N ASP A 47 -34.57 -11.40 12.53
CA ASP A 47 -34.09 -11.47 13.91
C ASP A 47 -33.19 -12.72 14.00
N ILE A 48 -32.41 -12.83 15.04
CA ILE A 48 -31.50 -13.95 15.18
C ILE A 48 -31.71 -14.47 16.61
N ASN A 49 -31.79 -15.79 16.76
CA ASN A 49 -32.10 -16.44 18.04
C ASN A 49 -31.49 -17.86 18.06
N ASN A 50 -30.70 -18.16 19.09
CA ASN A 50 -29.96 -19.42 19.12
C ASN A 50 -29.23 -19.69 17.80
N ASP A 51 -28.63 -18.63 17.25
CA ASP A 51 -27.77 -18.75 16.11
C ASP A 51 -28.46 -19.02 14.78
N ILE A 52 -29.79 -18.89 14.75
CA ILE A 52 -30.51 -19.00 13.49
C ILE A 52 -31.22 -17.71 13.15
N ILE A 53 -31.10 -17.30 11.89
CA ILE A 53 -31.71 -16.12 11.36
C ILE A 53 -33.11 -16.50 10.89
N SER A 54 -34.14 -15.80 11.33
CA SER A 54 -35.49 -16.09 10.82
C SER A 54 -36.30 -14.83 10.59
N ASP A 55 -37.37 -14.92 9.81
CA ASP A 55 -38.27 -13.78 9.60
C ASP A 55 -39.25 -13.75 10.77
N ILE A 56 -39.39 -12.60 11.42
CA ILE A 56 -40.25 -12.54 12.59
C ILE A 56 -41.44 -11.63 12.47
N SER A 57 -41.66 -11.06 11.29
CA SER A 57 -42.94 -10.49 10.99
C SER A 57 -43.79 -11.71 11.07
N GLY A 58 -45.10 -11.56 11.02
CA GLY A 58 -45.97 -12.72 11.06
C GLY A 58 -46.03 -13.52 9.76
N PHE A 59 -45.38 -13.01 8.72
CA PHE A 59 -45.47 -13.62 7.39
C PHE A 59 -44.59 -14.85 7.21
N ASN A 60 -43.64 -15.06 8.10
CA ASN A 60 -42.87 -16.27 8.01
C ASN A 60 -42.20 -16.43 6.63
N SER A 61 -41.63 -15.37 6.05
CA SER A 61 -40.88 -15.53 4.81
C SER A 61 -39.79 -16.48 5.18
N SER A 62 -39.17 -17.18 4.24
CA SER A 62 -38.07 -18.09 4.63
C SER A 62 -36.68 -17.55 4.32
N VAL A 63 -35.76 -17.83 5.22
CA VAL A 63 -34.40 -17.38 5.05
C VAL A 63 -33.51 -18.62 5.06
N ILE A 64 -32.60 -18.68 4.09
CA ILE A 64 -31.68 -19.79 3.96
C ILE A 64 -30.31 -19.23 4.19
N THR A 65 -29.66 -19.72 5.23
CA THR A 65 -28.35 -19.21 5.60
C THR A 65 -27.34 -20.16 5.04
N TYR A 66 -26.56 -19.68 4.09
CA TYR A 66 -25.51 -20.53 3.52
C TYR A 66 -24.42 -20.87 4.55
N PRO A 67 -23.45 -21.70 4.18
CA PRO A 67 -22.43 -22.17 5.14
C PRO A 67 -21.42 -21.13 5.70
N ASP A 68 -21.15 -20.08 4.95
CA ASP A 68 -20.12 -19.17 5.40
C ASP A 68 -20.68 -17.83 5.86
N ALA A 69 -21.96 -17.84 6.22
CA ALA A 69 -22.56 -16.63 6.76
C ALA A 69 -22.11 -16.70 8.18
N GLN A 70 -21.68 -15.56 8.70
CA GLN A 70 -21.05 -15.51 10.01
C GLN A 70 -21.84 -14.65 10.94
N LEU A 71 -21.86 -15.03 12.21
CA LEU A 71 -22.55 -14.27 13.22
C LEU A 71 -21.53 -13.56 14.08
N VAL A 72 -21.78 -12.28 14.34
CA VAL A 72 -20.95 -11.45 15.21
C VAL A 72 -21.83 -10.62 16.16
N PRO A 73 -21.22 -10.05 17.20
CA PRO A 73 -21.94 -9.16 18.08
C PRO A 73 -22.69 -8.14 17.25
N GLY A 74 -23.92 -7.86 17.62
CA GLY A 74 -24.72 -6.84 16.95
C GLY A 74 -25.10 -5.75 17.93
N ILE A 75 -25.92 -4.83 17.48
CA ILE A 75 -26.28 -3.71 18.31
C ILE A 75 -27.27 -4.22 19.37
N ASN A 76 -27.70 -5.47 19.25
CA ASN A 76 -28.66 -5.98 20.24
C ASN A 76 -28.93 -7.48 20.09
N GLY A 77 -27.92 -8.29 20.39
CA GLY A 77 -27.94 -9.70 20.07
C GLY A 77 -26.91 -9.91 18.97
N LYS A 78 -27.03 -11.00 18.22
CA LYS A 78 -26.04 -11.26 17.20
C LYS A 78 -26.49 -10.71 15.85
N ALA A 79 -25.51 -10.43 14.99
CA ALA A 79 -25.76 -9.88 13.66
C ALA A 79 -25.11 -10.79 12.63
N ILE A 80 -25.41 -10.50 11.37
CA ILE A 80 -24.87 -11.19 10.22
C ILE A 80 -23.58 -10.52 9.72
N HIS A 81 -22.56 -11.32 9.53
CA HIS A 81 -21.29 -10.85 9.05
C HIS A 81 -21.05 -11.56 7.74
N LEU A 82 -20.75 -10.81 6.68
CA LEU A 82 -20.56 -11.38 5.36
C LEU A 82 -19.14 -11.18 4.91
N VAL A 83 -18.51 -12.21 4.37
CA VAL A 83 -17.17 -12.08 3.77
C VAL A 83 -17.16 -12.40 2.27
N ASN A 84 -16.03 -12.13 1.62
CA ASN A 84 -15.95 -12.25 0.18
C ASN A 84 -15.68 -13.61 -0.46
N ASN A 85 -16.56 -14.57 -0.18
CA ASN A 85 -16.57 -15.77 -0.99
C ASN A 85 -18.04 -16.17 -1.33
N GLU A 86 -18.30 -16.67 -2.54
CA GLU A 86 -19.66 -17.00 -2.91
C GLU A 86 -20.38 -18.02 -2.00
N SER A 87 -19.93 -18.26 -0.77
CA SER A 87 -20.69 -19.17 0.09
C SER A 87 -21.07 -18.50 1.41
N SER A 88 -20.88 -17.18 1.45
CA SER A 88 -21.20 -16.40 2.58
C SER A 88 -22.39 -15.57 2.18
N GLU A 89 -23.59 -16.06 2.47
CA GLU A 89 -24.78 -15.33 2.12
C GLU A 89 -26.02 -15.82 2.87
N VAL A 90 -27.02 -14.94 2.91
CA VAL A 90 -28.34 -15.24 3.46
C VAL A 90 -29.34 -14.95 2.35
N ILE A 91 -30.33 -15.80 2.18
CA ILE A 91 -31.34 -15.53 1.16
C ILE A 91 -32.69 -15.45 1.86
N VAL A 92 -33.52 -14.51 1.42
CA VAL A 92 -34.90 -14.43 1.90
C VAL A 92 -35.84 -14.82 0.78
N HIS A 93 -36.63 -15.85 1.00
CA HIS A 93 -37.62 -16.24 0.05
C HIS A 93 -38.93 -15.56 0.42
N LYS A 94 -39.19 -14.42 -0.19
CA LYS A 94 -40.38 -13.63 0.13
C LYS A 94 -41.57 -14.56 0.12
N ALA A 95 -42.42 -14.41 1.11
CA ALA A 95 -43.62 -15.21 1.19
C ALA A 95 -44.69 -14.78 0.17
N MET A 96 -45.64 -15.68 -0.05
CA MET A 96 -46.75 -15.46 -0.94
C MET A 96 -47.23 -14.04 -0.86
N ASP A 97 -47.85 -13.72 0.27
CA ASP A 97 -48.53 -12.44 0.43
C ASP A 97 -47.70 -11.19 0.71
N ILE A 98 -46.44 -11.18 0.27
CA ILE A 98 -45.61 -9.97 0.28
C ILE A 98 -44.75 -9.96 -0.98
N GLU A 99 -44.63 -11.11 -1.60
CA GLU A 99 -43.91 -11.29 -2.86
C GLU A 99 -43.86 -10.03 -3.74
N TYR A 100 -45.02 -9.49 -4.09
CA TYR A 100 -45.11 -8.38 -5.02
C TYR A 100 -45.23 -6.96 -4.43
N ASN A 101 -45.49 -6.84 -3.13
CA ASN A 101 -45.76 -5.53 -2.52
C ASN A 101 -45.20 -4.30 -3.22
N ASP A 102 -43.90 -4.33 -3.45
CA ASP A 102 -43.17 -3.20 -3.99
C ASP A 102 -43.25 -3.03 -5.49
N MET A 103 -44.19 -3.70 -6.15
CA MET A 103 -44.25 -3.53 -7.58
C MET A 103 -44.74 -2.14 -7.81
N PHE A 104 -45.70 -1.69 -7.00
CA PHE A 104 -46.25 -0.33 -7.13
C PHE A 104 -46.31 0.47 -5.84
N ASN A 105 -46.47 -0.18 -4.69
CA ASN A 105 -46.60 0.55 -3.44
C ASN A 105 -45.30 1.09 -2.88
N ASN A 106 -45.45 1.76 -1.74
CA ASN A 106 -44.39 2.37 -1.01
C ASN A 106 -43.75 1.37 -0.12
N PHE A 107 -42.44 1.43 -0.06
CA PHE A 107 -41.76 0.57 0.87
C PHE A 107 -40.63 1.32 1.51
N THR A 108 -40.30 0.82 2.68
CA THR A 108 -39.23 1.33 3.49
C THR A 108 -38.32 0.17 3.86
N VAL A 109 -37.03 0.35 3.64
CA VAL A 109 -36.00 -0.62 4.05
C VAL A 109 -35.11 -0.01 5.11
N SER A 110 -34.99 -0.69 6.23
CA SER A 110 -34.21 -0.17 7.34
C SER A 110 -33.28 -1.25 7.78
N PHE A 111 -32.02 -0.89 8.02
CA PHE A 111 -31.06 -1.84 8.59
C PHE A 111 -29.87 -1.18 9.28
N TRP A 112 -29.26 -1.93 10.20
CA TRP A 112 -28.03 -1.49 10.84
C TRP A 112 -26.91 -1.98 9.90
N LEU A 113 -25.91 -1.12 9.65
CA LEU A 113 -24.77 -1.48 8.81
C LEU A 113 -23.48 -1.22 9.60
N ARG A 114 -22.37 -1.83 9.20
CA ARG A 114 -21.05 -1.64 9.82
C ARG A 114 -20.03 -2.04 8.77
N VAL A 115 -19.42 -1.05 8.16
CA VAL A 115 -18.41 -1.24 7.13
C VAL A 115 -17.10 -0.75 7.70
N PRO A 116 -15.99 -1.44 7.46
CA PRO A 116 -14.69 -1.04 8.02
C PRO A 116 -14.12 0.19 7.32
N LYS A 117 -13.38 1.03 8.02
CA LYS A 117 -12.78 2.18 7.37
C LYS A 117 -11.98 1.66 6.18
N VAL A 118 -12.35 2.07 4.97
CA VAL A 118 -11.57 1.65 3.84
C VAL A 118 -10.19 2.25 3.97
N SER A 119 -9.18 1.41 3.87
CA SER A 119 -7.81 1.84 3.96
C SER A 119 -7.49 2.69 2.76
N ALA A 120 -6.57 3.62 2.91
CA ALA A 120 -6.28 4.50 1.82
C ALA A 120 -5.73 3.72 0.62
N SER A 121 -5.16 2.55 0.87
CA SER A 121 -4.62 1.75 -0.19
C SER A 121 -5.79 1.21 -0.96
N HIS A 122 -6.74 0.67 -0.23
CA HIS A 122 -7.93 0.12 -0.83
C HIS A 122 -8.72 1.20 -1.60
N LEU A 123 -8.73 2.44 -1.12
CA LEU A 123 -9.39 3.54 -1.81
C LEU A 123 -8.74 3.83 -3.14
N GLU A 124 -7.51 3.40 -3.26
CA GLU A 124 -6.78 3.65 -4.47
C GLU A 124 -7.05 2.54 -5.47
N GLN A 125 -7.17 1.31 -4.99
CA GLN A 125 -7.24 0.21 -5.92
C GLN A 125 -8.57 -0.49 -6.06
N TYR A 126 -9.56 -0.05 -5.30
CA TYR A 126 -10.88 -0.64 -5.37
C TYR A 126 -11.90 0.46 -5.24
N GLY A 127 -11.46 1.68 -5.49
CA GLY A 127 -12.31 2.82 -5.25
C GLY A 127 -13.32 3.09 -6.32
N THR A 128 -13.21 2.36 -7.42
CA THR A 128 -14.11 2.54 -8.55
C THR A 128 -14.89 1.28 -8.74
N ASN A 129 -14.72 0.37 -7.79
CA ASN A 129 -15.44 -0.88 -7.80
C ASN A 129 -16.67 -0.78 -6.94
N GLU A 130 -17.85 -0.84 -7.56
CA GLU A 130 -19.10 -0.77 -6.85
C GLU A 130 -19.68 -2.16 -6.71
N TYR A 131 -20.08 -2.54 -5.49
CA TYR A 131 -20.64 -3.86 -5.26
C TYR A 131 -21.82 -3.79 -4.32
N SER A 132 -22.65 -4.80 -4.39
CA SER A 132 -23.83 -4.91 -3.56
C SER A 132 -23.63 -5.67 -2.29
N ILE A 133 -24.44 -5.38 -1.30
CA ILE A 133 -24.46 -6.20 -0.10
C ILE A 133 -25.88 -6.70 0.14
N ILE A 134 -26.88 -5.90 -0.26
CA ILE A 134 -28.25 -6.38 -0.23
C ILE A 134 -28.99 -6.09 -1.57
N SER A 135 -29.72 -7.07 -2.10
CA SER A 135 -30.37 -6.86 -3.38
C SER A 135 -31.56 -7.73 -3.67
N SER A 136 -32.56 -7.15 -4.29
CA SER A 136 -33.78 -7.90 -4.61
C SER A 136 -33.78 -8.15 -6.09
N MET A 137 -32.65 -7.86 -6.68
CA MET A 137 -32.60 -7.70 -8.10
C MET A 137 -31.68 -8.62 -8.87
N LYS A 138 -32.27 -9.65 -9.46
CA LYS A 138 -31.57 -10.54 -10.37
C LYS A 138 -30.36 -9.92 -11.05
N LYS A 139 -29.25 -10.65 -11.03
CA LYS A 139 -28.00 -10.09 -11.51
C LYS A 139 -27.39 -10.87 -12.66
N HIS A 140 -26.55 -10.18 -13.42
CA HIS A 140 -25.75 -10.87 -14.41
C HIS A 140 -24.62 -10.06 -15.12
N SER A 141 -23.37 -10.32 -14.72
CA SER A 141 -22.22 -9.73 -15.38
C SER A 141 -22.38 -8.21 -15.70
N LEU A 142 -22.50 -7.40 -14.66
CA LEU A 142 -22.79 -5.97 -14.83
C LEU A 142 -23.94 -5.76 -15.83
N SER A 143 -24.96 -6.61 -15.73
CA SER A 143 -26.24 -6.35 -16.39
C SER A 143 -27.21 -6.66 -15.23
N ILE A 144 -28.31 -5.91 -15.09
CA ILE A 144 -29.16 -6.10 -13.92
C ILE A 144 -30.60 -6.33 -14.23
N GLY A 145 -31.28 -7.00 -13.30
CA GLY A 145 -32.71 -7.22 -13.43
C GLY A 145 -33.53 -5.97 -13.16
N SER A 146 -34.50 -6.08 -12.27
CA SER A 146 -35.35 -4.99 -11.84
C SER A 146 -35.42 -5.19 -10.34
N GLY A 147 -35.80 -4.18 -9.59
CA GLY A 147 -35.82 -4.27 -8.13
C GLY A 147 -34.96 -3.20 -7.48
N TRP A 148 -34.24 -3.57 -6.43
CA TRP A 148 -33.35 -2.64 -5.75
C TRP A 148 -32.15 -3.31 -5.15
N SER A 149 -31.16 -2.49 -4.84
CA SER A 149 -29.94 -2.93 -4.14
C SER A 149 -29.40 -1.90 -3.21
N VAL A 150 -28.55 -2.38 -2.29
CA VAL A 150 -27.78 -1.54 -1.45
C VAL A 150 -26.35 -1.81 -1.88
N SER A 151 -25.61 -0.79 -2.31
CA SER A 151 -24.27 -1.02 -2.76
C SER A 151 -23.26 -0.05 -2.20
N LEU A 152 -22.00 -0.47 -2.23
CA LEU A 152 -20.86 0.32 -1.76
C LEU A 152 -19.90 0.46 -2.93
N LYS A 153 -19.23 1.62 -3.00
CA LYS A 153 -18.23 1.95 -4.00
C LYS A 153 -17.36 3.01 -3.34
N GLY A 154 -16.16 2.62 -2.90
CA GLY A 154 -15.28 3.54 -2.20
C GLY A 154 -15.93 3.84 -0.87
N ASN A 155 -16.14 5.12 -0.59
CA ASN A 155 -16.74 5.55 0.65
C ASN A 155 -18.06 6.18 0.35
N ASN A 156 -18.77 5.58 -0.60
CA ASN A 156 -20.09 6.00 -1.01
C ASN A 156 -21.06 4.90 -0.67
N LEU A 157 -22.27 5.27 -0.26
CA LEU A 157 -23.31 4.31 0.07
C LEU A 157 -24.39 4.60 -0.95
N ILE A 158 -24.83 3.59 -1.67
CA ILE A 158 -25.77 3.79 -2.79
C ILE A 158 -27.08 3.07 -2.69
N TRP A 159 -28.18 3.79 -2.92
CA TRP A 159 -29.51 3.17 -3.00
C TRP A 159 -29.86 3.20 -4.44
N THR A 160 -30.59 2.21 -4.86
CA THR A 160 -30.73 2.08 -6.27
C THR A 160 -32.01 1.27 -6.54
N LEU A 161 -32.97 1.93 -7.21
CA LEU A 161 -34.23 1.33 -7.67
C LEU A 161 -34.26 1.16 -9.19
N LYS A 162 -34.65 -0.03 -9.65
CA LYS A 162 -34.76 -0.26 -11.08
C LYS A 162 -36.08 -0.97 -11.49
N ASP A 163 -36.71 -0.43 -12.54
CA ASP A 163 -38.04 -0.87 -12.99
C ASP A 163 -38.08 -1.60 -14.32
N SER A 164 -39.05 -2.51 -14.45
CA SER A 164 -39.22 -3.32 -15.64
C SER A 164 -38.76 -2.69 -16.97
N ALA A 165 -39.00 -1.38 -17.15
CA ALA A 165 -38.64 -0.66 -18.39
C ALA A 165 -37.13 -0.50 -18.54
N GLY A 166 -36.42 -0.67 -17.42
CA GLY A 166 -34.99 -0.51 -17.40
C GLY A 166 -34.60 0.86 -16.86
N GLU A 167 -35.55 1.55 -16.23
CA GLU A 167 -35.30 2.89 -15.71
C GLU A 167 -34.83 2.77 -14.30
N VAL A 168 -33.86 3.61 -13.96
CA VAL A 168 -33.23 3.57 -12.65
C VAL A 168 -33.44 4.86 -11.87
N ARG A 169 -33.54 4.74 -10.56
CA ARG A 169 -33.45 5.90 -9.68
C ARG A 169 -32.32 5.58 -8.69
N GLN A 170 -31.52 6.58 -8.32
CA GLN A 170 -30.37 6.32 -7.45
C GLN A 170 -30.07 7.45 -6.51
N ILE A 171 -29.63 7.09 -5.33
CA ILE A 171 -29.20 8.07 -4.36
C ILE A 171 -27.75 7.74 -4.08
N THR A 172 -26.93 8.75 -4.06
CA THR A 172 -25.56 8.50 -3.71
C THR A 172 -25.20 9.41 -2.58
N PHE A 173 -24.96 8.76 -1.43
CA PHE A 173 -24.50 9.46 -0.26
C PHE A 173 -23.01 9.32 -0.07
N ARG A 174 -22.28 10.45 -0.19
CA ARG A 174 -20.84 10.55 0.11
C ARG A 174 -20.55 10.61 1.61
N ASP A 175 -19.68 9.76 2.12
CA ASP A 175 -19.38 9.83 3.54
C ASP A 175 -18.46 10.97 3.81
N LEU A 176 -18.63 11.66 4.93
CA LEU A 176 -17.80 12.82 5.22
C LEU A 176 -16.34 12.39 5.18
N PRO A 177 -15.44 13.32 4.95
CA PRO A 177 -14.01 13.01 4.84
C PRO A 177 -13.27 12.77 6.17
N ASP A 178 -13.91 13.09 7.29
CA ASP A 178 -13.35 12.85 8.60
C ASP A 178 -13.84 11.50 9.09
N LYS A 179 -12.98 10.51 9.11
CA LYS A 179 -13.42 9.17 9.40
C LYS A 179 -13.77 8.92 10.85
N PHE A 180 -13.33 9.80 11.73
CA PHE A 180 -13.67 9.65 13.14
C PHE A 180 -15.17 9.78 13.29
N ASN A 181 -15.77 10.60 12.42
CA ASN A 181 -17.18 10.89 12.50
C ASN A 181 -18.03 10.12 11.50
N ALA A 182 -17.48 10.00 10.30
CA ALA A 182 -18.03 9.21 9.19
C ALA A 182 -18.92 8.05 9.55
N TYR A 183 -19.88 7.78 8.65
CA TYR A 183 -20.83 6.68 8.82
C TYR A 183 -20.32 5.35 8.28
N LEU A 184 -19.35 5.41 7.40
CA LEU A 184 -18.76 4.16 6.89
C LEU A 184 -17.33 3.96 7.35
N ALA A 185 -17.11 3.96 8.66
CA ALA A 185 -15.79 3.76 9.24
C ALA A 185 -15.82 2.85 10.49
N ASN A 186 -16.23 1.61 10.26
CA ASN A 186 -16.49 0.55 11.27
C ASN A 186 -17.22 0.88 12.57
N LYS A 187 -18.16 1.80 12.51
CA LYS A 187 -19.11 1.95 13.61
C LYS A 187 -20.43 1.41 13.09
N TRP A 188 -21.26 0.85 13.96
CA TRP A 188 -22.59 0.48 13.55
C TRP A 188 -23.41 1.74 13.28
N VAL A 189 -24.10 1.81 12.12
CA VAL A 189 -24.97 2.94 11.77
C VAL A 189 -26.33 2.39 11.34
N PHE A 190 -27.38 3.20 11.44
CA PHE A 190 -28.70 2.69 11.17
C PHE A 190 -29.24 3.28 9.92
N ILE A 191 -29.41 2.43 8.92
CA ILE A 191 -29.89 2.86 7.63
C ILE A 191 -31.39 2.67 7.50
N THR A 192 -32.05 3.66 6.92
CA THR A 192 -33.45 3.51 6.61
C THR A 192 -33.69 4.14 5.25
N ILE A 193 -34.29 3.39 4.33
CA ILE A 193 -34.67 4.00 3.07
C ILE A 193 -36.15 3.86 2.82
N THR A 194 -36.80 4.99 2.59
CA THR A 194 -38.24 5.04 2.41
C THR A 194 -38.45 5.45 1.00
N ASN A 195 -39.37 4.79 0.34
CA ASN A 195 -39.66 5.12 -1.03
C ASN A 195 -41.13 5.35 -1.17
N ASP A 196 -41.54 6.60 -1.35
CA ASP A 196 -42.94 6.94 -1.59
C ASP A 196 -43.19 7.09 -3.07
N ARG A 197 -43.84 6.12 -3.68
CA ARG A 197 -43.97 6.10 -5.13
C ARG A 197 -44.60 7.35 -5.74
N LEU A 198 -45.32 8.14 -4.92
CA LEU A 198 -45.95 9.38 -5.38
C LEU A 198 -45.06 10.60 -5.16
N SER A 199 -43.83 10.39 -4.67
CA SER A 199 -42.89 11.49 -4.52
C SER A 199 -41.44 11.00 -4.58
N SER A 200 -40.80 10.81 -3.43
CA SER A 200 -39.37 10.58 -3.40
C SER A 200 -38.87 9.30 -2.76
N ALA A 201 -37.59 9.01 -2.97
CA ALA A 201 -36.93 8.01 -2.17
C ALA A 201 -36.00 8.84 -1.28
N ASN A 202 -36.09 8.65 0.04
CA ASN A 202 -35.24 9.39 1.01
C ASN A 202 -34.27 8.46 1.70
N LEU A 203 -33.00 8.87 1.75
CA LEU A 203 -31.97 8.07 2.40
C LEU A 203 -31.61 8.70 3.73
N TYR A 204 -31.84 7.97 4.81
CA TYR A 204 -31.48 8.44 6.14
C TYR A 204 -30.30 7.60 6.68
N ILE A 205 -29.52 8.19 7.59
CA ILE A 205 -28.51 7.46 8.36
C ILE A 205 -28.69 7.91 9.81
N ASN A 206 -28.83 6.97 10.74
CA ASN A 206 -29.03 7.35 12.12
C ASN A 206 -30.15 8.40 12.34
N GLY A 207 -31.20 8.35 11.53
CA GLY A 207 -32.37 9.17 11.72
C GLY A 207 -32.31 10.54 11.10
N VAL A 208 -31.28 10.76 10.29
CA VAL A 208 -31.10 12.03 9.64
C VAL A 208 -31.22 11.79 8.16
N LEU A 209 -31.67 12.81 7.43
CA LEU A 209 -31.85 12.72 6.01
C LEU A 209 -30.54 13.01 5.29
N MET A 210 -29.99 12.00 4.65
CA MET A 210 -28.72 12.15 3.98
C MET A 210 -28.85 12.36 2.49
N GLY A 211 -29.83 11.70 1.89
CA GLY A 211 -29.96 11.87 0.45
C GLY A 211 -31.35 11.52 0.01
N SER A 212 -31.66 11.81 -1.25
CA SER A 212 -33.01 11.63 -1.75
C SER A 212 -33.10 11.83 -3.23
N ALA A 213 -34.11 11.23 -3.85
CA ALA A 213 -34.31 11.43 -5.28
C ALA A 213 -35.73 11.20 -5.71
N GLU A 214 -36.12 11.87 -6.79
CA GLU A 214 -37.48 11.75 -7.32
C GLU A 214 -37.73 10.44 -8.01
N ILE A 215 -38.73 9.71 -7.53
CA ILE A 215 -39.03 8.40 -8.08
C ILE A 215 -40.38 8.35 -8.82
N THR A 216 -41.02 9.52 -8.92
CA THR A 216 -42.24 9.65 -9.69
C THR A 216 -41.92 9.36 -11.17
N GLY A 217 -42.45 8.30 -11.71
CA GLY A 217 -42.19 8.07 -13.12
C GLY A 217 -41.78 6.67 -13.50
N LEU A 218 -41.37 5.89 -12.52
CA LEU A 218 -41.00 4.53 -12.86
C LEU A 218 -42.19 3.75 -12.47
N GLY A 219 -42.44 2.70 -13.23
CA GLY A 219 -43.58 1.87 -12.99
C GLY A 219 -43.23 0.40 -13.06
N ALA A 220 -43.85 -0.36 -12.16
CA ALA A 220 -43.68 -1.80 -12.09
C ALA A 220 -42.24 -2.21 -11.73
N ILE A 221 -42.04 -2.36 -10.45
CA ILE A 221 -40.80 -2.92 -10.02
C ILE A 221 -41.08 -4.42 -9.89
N ARG A 222 -40.55 -5.18 -10.82
CA ARG A 222 -40.74 -6.62 -10.82
C ARG A 222 -39.41 -7.30 -10.52
N GLU A 223 -39.21 -7.81 -9.31
CA GLU A 223 -37.92 -8.39 -9.01
C GLU A 223 -37.93 -9.85 -8.59
N ASP A 224 -36.73 -10.29 -8.25
CA ASP A 224 -36.44 -11.63 -7.81
C ASP A 224 -37.37 -12.00 -6.68
N ASN A 225 -37.62 -13.28 -6.51
CA ASN A 225 -38.45 -13.70 -5.37
C ASN A 225 -37.66 -13.91 -4.12
N ASN A 226 -36.38 -13.57 -4.18
CA ASN A 226 -35.49 -13.74 -3.05
C ASN A 226 -34.87 -12.40 -2.77
N ILE A 227 -34.73 -12.03 -1.50
CA ILE A 227 -33.93 -10.85 -1.16
C ILE A 227 -32.54 -11.47 -0.87
N THR A 228 -31.47 -10.94 -1.44
CA THR A 228 -30.17 -11.60 -1.20
C THR A 228 -29.17 -10.81 -0.39
N LEU A 229 -28.62 -11.44 0.65
CA LEU A 229 -27.56 -10.86 1.49
C LEU A 229 -26.23 -11.54 1.17
N LYS A 230 -25.35 -10.82 0.45
CA LYS A 230 -24.05 -11.34 0.02
C LYS A 230 -23.26 -10.24 -0.69
N LEU A 231 -21.92 -10.29 -0.65
CA LEU A 231 -21.08 -9.32 -1.40
C LEU A 231 -21.06 -9.76 -2.84
N ASP A 232 -21.37 -8.82 -3.72
CA ASP A 232 -21.57 -9.16 -5.11
C ASP A 232 -20.74 -8.30 -6.06
N ARG A 233 -19.79 -8.93 -6.77
CA ARG A 233 -18.81 -8.27 -7.69
C ARG A 233 -17.86 -7.30 -6.97
N CYS A 234 -17.49 -7.66 -5.74
CA CYS A 234 -16.49 -6.91 -4.96
C CYS A 234 -15.09 -7.42 -5.27
N ASN A 235 -14.22 -6.51 -5.70
CA ASN A 235 -12.89 -6.88 -6.12
C ASN A 235 -11.94 -7.29 -4.98
N ASN A 236 -12.07 -6.62 -3.83
CA ASN A 236 -11.16 -6.83 -2.70
C ASN A 236 -11.45 -8.11 -1.93
N ASN A 237 -10.55 -9.09 -2.01
CA ASN A 237 -10.75 -10.39 -1.31
C ASN A 237 -10.91 -10.25 0.18
N ASN A 238 -10.61 -9.07 0.71
CA ASN A 238 -10.65 -8.84 2.12
C ASN A 238 -11.88 -8.18 2.69
N GLN A 239 -12.74 -7.57 1.87
CA GLN A 239 -13.93 -6.93 2.43
C GLN A 239 -14.80 -7.83 3.27
N TYR A 240 -15.43 -7.20 4.27
CA TYR A 240 -16.46 -7.81 5.07
C TYR A 240 -17.49 -6.71 5.34
N VAL A 241 -18.66 -7.08 5.86
CA VAL A 241 -19.67 -6.10 6.31
C VAL A 241 -20.58 -6.87 7.21
N SER A 242 -21.23 -6.14 8.12
CA SER A 242 -22.17 -6.70 9.07
C SER A 242 -23.53 -6.03 8.85
N ILE A 243 -24.62 -6.81 8.94
CA ILE A 243 -25.96 -6.31 8.81
C ILE A 243 -26.79 -6.87 9.95
N ASP A 244 -27.60 -6.03 10.62
CA ASP A 244 -28.48 -6.49 11.71
C ASP A 244 -29.91 -5.95 11.57
N LYS A 245 -30.89 -6.72 12.04
CA LYS A 245 -32.28 -6.29 12.08
C LYS A 245 -32.83 -5.85 10.74
N PHE A 246 -32.49 -6.57 9.68
CA PHE A 246 -32.97 -6.22 8.34
C PHE A 246 -34.49 -6.21 8.30
N ARG A 247 -35.07 -5.15 7.73
CA ARG A 247 -36.50 -4.97 7.87
C ARG A 247 -37.14 -4.26 6.71
N ILE A 248 -38.35 -4.71 6.36
CA ILE A 248 -39.09 -4.11 5.28
C ILE A 248 -40.46 -3.75 5.83
N PHE A 249 -40.83 -2.50 5.63
CA PHE A 249 -42.14 -1.99 6.01
C PHE A 249 -42.88 -1.72 4.73
N CYS A 250 -44.20 -1.87 4.76
CA CYS A 250 -44.95 -1.58 3.56
C CYS A 250 -45.41 -0.12 3.57
N LYS A 251 -44.48 0.82 3.76
CA LYS A 251 -44.79 2.26 3.63
C LYS A 251 -43.60 3.21 3.78
N ALA A 252 -43.71 4.36 3.14
CA ALA A 252 -42.76 5.42 3.38
C ALA A 252 -43.01 5.82 4.82
N LEU A 253 -42.08 5.55 5.72
CA LEU A 253 -42.27 5.97 7.10
C LEU A 253 -41.87 7.43 7.12
N ASN A 254 -42.39 8.21 8.05
CA ASN A 254 -41.97 9.61 8.19
C ASN A 254 -40.86 9.69 9.23
N PRO A 255 -40.13 10.81 9.24
CA PRO A 255 -39.00 10.97 10.17
C PRO A 255 -39.40 10.76 11.63
N LYS A 256 -40.58 11.21 12.03
CA LYS A 256 -40.97 10.96 13.41
C LYS A 256 -41.19 9.44 13.56
N GLU A 257 -41.54 8.74 12.48
CA GLU A 257 -41.61 7.27 12.56
C GLU A 257 -40.18 6.72 12.60
N ILE A 258 -39.34 7.32 11.76
CA ILE A 258 -37.96 6.98 11.68
C ILE A 258 -37.21 7.16 13.01
N GLU A 259 -37.34 8.32 13.60
CA GLU A 259 -36.70 8.55 14.88
C GLU A 259 -37.08 7.46 15.92
N LYS A 260 -38.34 7.07 15.95
CA LYS A 260 -38.80 6.11 16.94
C LYS A 260 -38.32 4.71 16.62
N LEU A 261 -38.12 4.44 15.35
CA LEU A 261 -37.64 3.13 14.94
C LEU A 261 -36.19 2.96 15.32
N TYR A 262 -35.44 4.04 15.14
CA TYR A 262 -34.02 4.15 15.43
C TYR A 262 -33.72 3.99 16.94
N THR A 263 -34.41 4.76 17.79
CA THR A 263 -34.11 4.73 19.23
C THR A 263 -34.60 3.43 19.89
N SER A 264 -35.49 2.73 19.22
CA SER A 264 -36.06 1.52 19.76
C SER A 264 -35.07 0.40 19.88
N TYR A 265 -33.99 0.54 19.14
CA TYR A 265 -32.98 -0.49 19.06
C TYR A 265 -31.94 -0.30 20.10
N LEU A 266 -31.88 0.93 20.60
CA LEU A 266 -30.93 1.38 21.59
C LEU A 266 -31.36 1.20 23.06
N SER A 267 -31.55 -0.03 23.52
CA SER A 267 -31.88 -0.22 24.94
C SER A 267 -30.66 -0.15 25.87
N ILE A 268 -30.59 0.94 26.66
CA ILE A 268 -29.61 1.23 27.73
C ILE A 268 -28.99 0.09 28.56
N THR A 269 -29.73 -0.98 28.74
CA THR A 269 -29.28 -2.09 29.59
C THR A 269 -27.83 -2.61 29.30
N PHE A 270 -27.28 -2.32 28.11
CA PHE A 270 -25.92 -2.73 27.76
C PHE A 270 -25.06 -1.52 27.41
N LEU A 271 -23.79 -1.47 27.84
CA LEU A 271 -22.94 -0.33 27.43
C LEU A 271 -22.23 -0.66 26.14
N ARG A 272 -21.86 0.34 25.36
CA ARG A 272 -21.23 0.03 24.09
C ARG A 272 -19.84 0.62 23.93
N ASP A 273 -19.05 -0.06 23.10
CA ASP A 273 -17.72 0.44 22.84
C ASP A 273 -17.83 1.42 21.70
N PHE A 274 -16.73 2.05 21.37
CA PHE A 274 -16.72 3.09 20.35
C PHE A 274 -17.45 2.60 19.11
N TRP A 275 -17.38 1.32 18.81
CA TRP A 275 -17.97 0.85 17.56
C TRP A 275 -19.39 0.44 17.65
N GLY A 276 -19.99 0.36 18.83
CA GLY A 276 -21.40 0.04 18.88
C GLY A 276 -21.62 -1.37 19.32
N ASN A 277 -20.51 -2.01 19.60
CA ASN A 277 -20.52 -3.38 19.99
C ASN A 277 -20.55 -3.34 21.47
N PRO A 278 -20.98 -4.41 22.13
CA PRO A 278 -21.04 -4.39 23.59
C PRO A 278 -19.70 -4.25 24.28
N LEU A 279 -19.74 -3.50 25.38
CA LEU A 279 -18.60 -3.22 26.24
C LEU A 279 -18.30 -4.49 27.03
N ARG A 280 -17.04 -4.91 27.03
CA ARG A 280 -16.63 -6.11 27.75
C ARG A 280 -15.53 -5.84 28.73
N TYR A 281 -15.45 -6.71 29.73
CA TYR A 281 -14.37 -6.72 30.69
C TYR A 281 -13.10 -7.34 30.11
N ASP A 282 -12.00 -7.24 30.86
CA ASP A 282 -10.72 -7.83 30.50
C ASP A 282 -10.29 -7.50 29.11
N THR A 283 -10.78 -6.42 28.58
CA THR A 283 -10.31 -6.06 27.27
C THR A 283 -9.85 -4.62 27.25
N GLU A 284 -8.76 -4.45 26.55
CA GLU A 284 -8.15 -3.17 26.49
C GLU A 284 -8.93 -2.22 25.62
N TYR A 285 -9.16 -1.01 26.15
CA TYR A 285 -9.80 0.08 25.43
C TYR A 285 -9.00 1.34 25.66
N TYR A 286 -8.88 2.20 24.66
CA TYR A 286 -8.39 3.55 24.87
C TYR A 286 -9.63 4.43 25.16
N LEU A 287 -9.42 5.34 26.10
CA LEU A 287 -10.33 6.39 26.47
C LEU A 287 -10.18 7.58 25.56
N ILE A 288 -11.28 8.07 24.99
CA ILE A 288 -11.29 9.33 24.28
C ILE A 288 -12.54 10.02 24.72
N PRO A 289 -12.46 11.29 25.10
CA PRO A 289 -13.65 12.02 25.55
C PRO A 289 -14.47 12.57 24.40
N VAL A 290 -15.76 12.40 24.51
CA VAL A 290 -16.69 12.74 23.46
C VAL A 290 -16.64 14.21 23.13
N ALA A 291 -16.43 15.01 24.17
CA ALA A 291 -16.49 16.45 24.08
C ALA A 291 -15.17 16.95 23.61
N SER A 292 -14.21 16.05 23.57
CA SER A 292 -12.89 16.42 23.14
C SER A 292 -12.28 15.29 22.33
N SER A 293 -13.07 14.80 21.40
CA SER A 293 -12.69 13.68 20.55
C SER A 293 -11.29 13.70 19.94
N SER A 294 -10.67 14.87 19.83
CA SER A 294 -9.33 14.86 19.26
C SER A 294 -8.20 14.73 20.30
N LYS A 295 -8.50 14.19 21.50
CA LYS A 295 -7.51 14.06 22.55
C LYS A 295 -7.32 12.63 22.98
N ASP A 296 -6.10 12.25 23.33
CA ASP A 296 -5.87 10.96 23.96
C ASP A 296 -5.60 11.18 25.46
N VAL A 297 -5.70 10.12 26.25
CA VAL A 297 -5.31 10.21 27.63
C VAL A 297 -3.84 9.84 27.86
N GLN A 298 -3.07 10.73 28.49
CA GLN A 298 -1.69 10.44 28.95
C GLN A 298 -1.57 10.47 30.47
N LEU A 299 -0.54 9.83 31.00
CA LEU A 299 -0.32 9.74 32.43
C LEU A 299 0.96 10.40 32.86
N LYS A 300 0.91 11.17 33.93
CA LYS A 300 2.08 11.87 34.43
C LYS A 300 3.22 10.93 34.79
N ASN A 301 2.90 9.98 35.66
CA ASN A 301 3.84 9.00 36.13
C ASN A 301 3.00 8.05 36.92
N ILE A 302 3.50 6.86 37.11
CA ILE A 302 2.86 5.89 37.93
C ILE A 302 2.66 6.59 39.23
N THR A 303 1.50 6.37 39.82
CA THR A 303 1.17 6.96 41.09
C THR A 303 0.49 8.31 40.95
N ASP A 304 0.65 8.97 39.80
CA ASP A 304 0.17 10.33 39.58
C ASP A 304 -1.09 10.51 38.70
N TYR A 305 -1.24 11.70 38.14
CA TYR A 305 -2.44 12.07 37.39
C TYR A 305 -2.47 11.68 35.90
N MET A 306 -3.64 11.89 35.28
CA MET A 306 -3.87 11.65 33.87
C MET A 306 -4.25 12.96 33.24
N TYR A 307 -3.89 13.14 31.98
CA TYR A 307 -4.28 14.34 31.30
C TYR A 307 -4.51 14.10 29.81
N LEU A 308 -5.23 15.03 29.18
CA LEU A 308 -5.55 14.97 27.75
C LEU A 308 -4.41 15.54 26.95
N THR A 309 -3.99 14.85 25.90
CA THR A 309 -2.98 15.40 24.96
C THR A 309 -3.56 15.20 23.59
N ASN A 310 -3.11 15.98 22.61
CA ASN A 310 -3.59 15.83 21.23
C ASN A 310 -3.12 14.54 20.59
N ALA A 311 -4.02 13.82 19.96
CA ALA A 311 -3.63 12.61 19.26
C ALA A 311 -3.05 13.01 17.91
N PRO A 312 -2.22 12.14 17.37
CA PRO A 312 -1.65 12.36 16.04
C PRO A 312 -2.71 12.16 14.97
N SER A 313 -2.67 12.96 13.92
CA SER A 313 -3.69 12.93 12.91
C SER A 313 -3.13 12.53 11.58
N TYR A 314 -4.02 12.02 10.72
CA TYR A 314 -3.68 11.55 9.39
C TYR A 314 -4.52 12.25 8.35
N THR A 315 -3.87 12.91 7.40
CA THR A 315 -4.60 13.49 6.30
C THR A 315 -4.08 12.92 4.99
N ASN A 316 -4.89 13.05 3.96
CA ASN A 316 -4.51 12.67 2.62
C ASN A 316 -5.41 13.54 1.76
N GLY A 317 -4.81 14.38 0.92
CA GLY A 317 -5.58 15.30 0.10
C GLY A 317 -6.19 14.63 -1.11
N LYS A 318 -5.35 14.09 -1.97
CA LYS A 318 -5.84 13.46 -3.17
C LYS A 318 -6.94 12.41 -2.93
N LEU A 319 -7.05 11.87 -1.73
CA LEU A 319 -8.17 10.95 -1.44
C LEU A 319 -9.34 11.61 -0.69
N ASN A 320 -9.22 12.90 -0.38
CA ASN A 320 -10.23 13.63 0.43
C ASN A 320 -10.59 12.89 1.72
N ILE A 321 -9.59 12.62 2.54
CA ILE A 321 -9.84 11.90 3.80
C ILE A 321 -8.94 12.31 4.96
N TYR A 322 -9.47 12.34 6.17
CA TYR A 322 -8.63 12.65 7.31
C TYR A 322 -9.18 12.06 8.58
N TYR A 323 -8.29 11.67 9.49
CA TYR A 323 -8.73 11.28 10.83
C TYR A 323 -7.68 11.46 11.91
N ARG A 324 -8.12 11.71 13.13
CA ARG A 324 -7.22 11.68 14.26
C ARG A 324 -6.89 10.19 14.35
N ARG A 325 -5.67 9.87 14.72
CA ARG A 325 -5.32 8.48 14.73
C ARG A 325 -5.79 7.81 16.02
N LEU A 326 -5.81 6.49 16.04
CA LEU A 326 -6.26 5.75 17.22
C LEU A 326 -5.22 4.80 17.68
N TYR A 327 -5.40 4.34 18.90
CA TYR A 327 -4.54 3.35 19.53
C TYR A 327 -3.32 3.94 20.23
N ASN A 328 -3.39 5.18 20.66
CA ASN A 328 -2.35 5.64 21.58
C ASN A 328 -3.00 6.33 22.73
N GLY A 329 -2.23 6.43 23.80
CA GLY A 329 -2.70 6.99 25.05
C GLY A 329 -2.84 5.79 25.94
N LEU A 330 -3.37 5.94 27.12
CA LEU A 330 -3.45 4.80 28.00
C LEU A 330 -4.45 3.75 27.61
N LYS A 331 -4.10 2.49 27.71
CA LYS A 331 -5.12 1.49 27.54
C LYS A 331 -5.62 1.20 28.94
N PHE A 332 -6.92 1.00 29.11
CA PHE A 332 -7.50 0.63 30.40
C PHE A 332 -8.19 -0.70 30.27
N ILE A 333 -8.59 -1.25 31.40
CA ILE A 333 -9.26 -2.52 31.41
C ILE A 333 -10.26 -2.48 32.51
N ILE A 334 -11.42 -3.02 32.23
CA ILE A 334 -12.49 -3.02 33.18
C ILE A 334 -12.53 -4.37 33.89
N LYS A 335 -12.84 -4.38 35.18
CA LYS A 335 -13.00 -5.64 35.90
C LYS A 335 -14.18 -5.52 36.82
N ARG A 336 -14.81 -6.62 37.16
CA ARG A 336 -15.95 -6.48 38.04
C ARG A 336 -15.39 -6.23 39.41
N TYR A 337 -16.10 -5.44 40.21
CA TYR A 337 -15.69 -5.24 41.61
C TYR A 337 -15.61 -6.65 42.22
N THR A 338 -16.72 -7.24 42.67
CA THR A 338 -16.60 -8.61 43.10
C THR A 338 -16.95 -9.48 41.91
N PRO A 339 -16.03 -10.37 41.54
CA PRO A 339 -15.98 -10.92 40.19
C PRO A 339 -16.31 -12.37 39.83
N ASN A 340 -15.72 -13.27 40.58
CA ASN A 340 -15.31 -14.55 40.04
C ASN A 340 -16.09 -15.55 39.15
N ASN A 341 -17.23 -16.05 39.63
CA ASN A 341 -17.79 -17.26 39.04
C ASN A 341 -18.78 -17.21 37.86
N GLU A 342 -19.44 -16.07 37.66
CA GLU A 342 -20.52 -15.96 36.66
C GLU A 342 -20.02 -15.72 35.21
N ILE A 343 -20.92 -15.81 34.21
CA ILE A 343 -20.53 -15.85 32.76
C ILE A 343 -20.79 -14.70 31.82
N ASP A 344 -20.97 -13.50 32.29
CA ASP A 344 -21.33 -12.47 31.39
C ASP A 344 -20.06 -11.64 31.21
N SER A 345 -19.44 -11.65 30.02
CA SER A 345 -18.24 -10.82 29.84
C SER A 345 -18.67 -9.41 29.45
N PHE A 346 -19.96 -9.16 29.58
CA PHE A 346 -20.54 -7.91 29.10
C PHE A 346 -20.85 -6.96 30.22
N VAL A 347 -20.37 -5.75 30.07
CA VAL A 347 -20.58 -4.76 31.10
C VAL A 347 -21.98 -4.29 31.01
N LYS A 348 -22.75 -4.47 32.07
CA LYS A 348 -24.11 -3.96 32.14
C LYS A 348 -24.11 -2.55 32.77
N SER A 349 -24.91 -1.63 32.23
CA SER A 349 -24.99 -0.30 32.87
C SER A 349 -25.56 -0.50 34.25
N GLY A 350 -24.87 0.00 35.25
CA GLY A 350 -25.30 -0.16 36.62
C GLY A 350 -24.45 -1.18 37.35
N ASP A 351 -23.48 -1.72 36.62
CA ASP A 351 -22.51 -2.66 37.19
C ASP A 351 -21.45 -1.91 37.94
N PHE A 352 -20.88 -2.54 38.98
CA PHE A 352 -19.80 -1.92 39.71
C PHE A 352 -18.48 -2.55 39.28
N ILE A 353 -17.54 -1.69 38.89
CA ILE A 353 -16.25 -2.12 38.39
C ILE A 353 -15.06 -1.52 39.07
N LYS A 354 -13.91 -2.05 38.66
CA LYS A 354 -12.60 -1.58 39.02
C LYS A 354 -12.00 -1.21 37.66
N LEU A 355 -11.48 0.00 37.54
CA LEU A 355 -10.87 0.43 36.32
C LEU A 355 -9.36 0.35 36.46
N TYR A 356 -8.64 -0.19 35.47
CA TYR A 356 -7.17 -0.29 35.55
C TYR A 356 -6.48 0.30 34.35
N VAL A 357 -5.21 0.63 34.51
CA VAL A 357 -4.38 1.08 33.41
C VAL A 357 -3.36 -0.02 33.11
N SER A 358 -3.21 -0.37 31.82
CA SER A 358 -2.30 -1.41 31.37
C SER A 358 -1.11 -0.72 30.71
N TYR A 359 0.06 -0.91 31.34
CA TYR A 359 1.30 -0.19 31.05
C TYR A 359 2.49 -1.10 31.40
N ASN A 360 2.98 -1.86 30.43
CA ASN A 360 4.09 -2.79 30.66
C ASN A 360 3.70 -4.08 31.38
N ASN A 361 2.53 -4.60 31.04
CA ASN A 361 2.05 -5.89 31.53
C ASN A 361 1.37 -5.80 32.89
N ASN A 362 1.53 -4.65 33.55
CA ASN A 362 0.96 -4.41 34.87
C ASN A 362 -0.43 -3.82 34.85
N GLU A 363 -1.17 -4.03 35.92
CA GLU A 363 -2.49 -3.44 36.10
C GLU A 363 -2.44 -2.49 37.29
N HIS A 364 -2.52 -1.20 37.00
CA HIS A 364 -2.55 -0.17 38.03
C HIS A 364 -3.94 0.36 38.13
N ILE A 365 -4.59 0.08 39.23
CA ILE A 365 -5.94 0.55 39.41
C ILE A 365 -6.02 2.08 39.46
N VAL A 366 -7.14 2.60 38.99
CA VAL A 366 -7.39 4.03 38.98
C VAL A 366 -8.25 4.38 40.16
N GLY A 367 -7.89 5.44 40.89
CA GLY A 367 -8.71 5.86 42.01
C GLY A 367 -8.39 7.24 42.47
N TYR A 368 -9.06 7.61 43.56
CA TYR A 368 -8.83 8.82 44.35
C TYR A 368 -8.57 8.40 45.78
N PRO A 369 -7.40 8.77 46.28
CA PRO A 369 -7.01 8.53 47.68
C PRO A 369 -7.65 9.50 48.67
N LYS A 370 -8.05 9.08 49.88
CA LYS A 370 -8.55 10.04 50.89
C LYS A 370 -7.58 11.22 50.94
N ASP A 371 -8.13 12.42 50.83
CA ASP A 371 -7.38 13.70 50.87
C ASP A 371 -6.40 13.98 49.72
N GLY A 372 -6.51 13.30 48.58
CA GLY A 372 -5.60 13.60 47.48
C GLY A 372 -5.97 14.96 46.96
N ASN A 373 -5.10 15.80 46.38
CA ASN A 373 -5.64 17.09 45.95
C ASN A 373 -6.72 16.89 44.93
N ALA A 374 -7.50 17.95 44.87
CA ALA A 374 -8.72 18.01 44.16
C ALA A 374 -8.88 19.49 43.98
N PHE A 375 -9.13 19.90 42.78
CA PHE A 375 -9.37 21.28 42.57
C PHE A 375 -10.53 21.60 43.43
N ASN A 376 -10.34 22.67 44.18
CA ASN A 376 -11.41 23.28 44.92
C ASN A 376 -12.12 22.43 45.90
N ASN A 377 -11.49 21.35 46.33
CA ASN A 377 -12.08 20.46 47.32
C ASN A 377 -13.15 19.53 46.78
N LEU A 378 -13.40 19.57 45.47
CA LEU A 378 -14.57 18.88 44.91
C LEU A 378 -14.34 18.06 43.66
N ASP A 379 -13.43 18.54 42.81
CA ASP A 379 -13.04 17.83 41.60
C ASP A 379 -11.76 17.04 41.92
N ARG A 380 -11.99 15.77 42.27
CA ARG A 380 -10.98 14.90 42.79
C ARG A 380 -10.08 14.30 41.71
N ILE A 381 -8.80 14.63 41.78
CA ILE A 381 -7.86 14.25 40.78
C ILE A 381 -7.59 12.77 40.82
N LEU A 382 -7.85 12.09 39.70
CA LEU A 382 -7.74 10.67 39.69
C LEU A 382 -6.30 10.26 39.73
N ARG A 383 -6.01 9.06 40.21
CA ARG A 383 -4.62 8.68 40.35
C ARG A 383 -4.44 7.25 39.91
N VAL A 384 -3.34 7.03 39.19
CA VAL A 384 -3.01 5.75 38.61
C VAL A 384 -1.91 5.08 39.35
N GLY A 385 -2.24 4.00 40.05
CA GLY A 385 -1.26 3.25 40.82
C GLY A 385 -0.93 3.72 42.23
N TYR A 386 -1.65 4.69 42.76
CA TYR A 386 -1.42 5.16 44.13
C TYR A 386 -1.25 4.02 45.12
N ASN A 387 -0.23 4.12 45.96
CA ASN A 387 0.06 3.05 46.91
C ASN A 387 0.44 3.49 48.31
N ALA A 388 0.39 4.79 48.59
CA ALA A 388 0.75 5.30 49.92
C ALA A 388 0.17 4.41 51.02
N PRO A 389 1.05 3.80 51.81
CA PRO A 389 0.65 2.90 52.88
C PRO A 389 -0.22 3.61 53.88
N GLY A 390 -1.29 2.96 54.33
CA GLY A 390 -2.18 3.54 55.31
C GLY A 390 -3.28 4.41 54.74
N ILE A 391 -3.01 5.07 53.62
CA ILE A 391 -3.99 5.94 52.97
C ILE A 391 -5.01 5.19 52.10
N PRO A 392 -6.27 5.30 52.47
CA PRO A 392 -7.33 4.65 51.72
C PRO A 392 -7.36 5.12 50.28
N LEU A 393 -7.59 4.18 49.38
CA LEU A 393 -7.71 4.53 47.99
C LEU A 393 -9.00 4.01 47.45
N TYR A 394 -9.92 4.95 47.23
CA TYR A 394 -11.23 4.62 46.73
C TYR A 394 -11.20 4.27 45.23
N LYS A 395 -11.63 3.05 44.88
CA LYS A 395 -11.67 2.64 43.46
C LYS A 395 -12.95 1.94 42.96
N LYS A 396 -14.00 1.85 43.78
CA LYS A 396 -15.27 1.30 43.31
C LYS A 396 -15.93 2.28 42.32
N MET A 397 -16.19 1.81 41.11
CA MET A 397 -16.81 2.63 40.08
C MET A 397 -18.08 1.93 39.60
N GLU A 398 -19.04 2.72 39.14
CA GLU A 398 -20.24 2.20 38.51
C GLU A 398 -20.19 2.74 37.08
N ALA A 399 -20.29 1.90 36.07
CA ALA A 399 -20.29 2.41 34.70
C ALA A 399 -21.73 2.51 34.29
N VAL A 400 -22.12 3.64 33.76
CA VAL A 400 -23.53 3.90 33.59
C VAL A 400 -23.75 4.59 32.31
N LYS A 401 -25.00 4.59 31.84
CA LYS A 401 -25.39 5.33 30.68
C LYS A 401 -26.36 6.36 31.19
N LEU A 402 -25.92 7.58 31.48
CA LEU A 402 -26.82 8.56 32.05
C LEU A 402 -27.41 9.52 31.03
N ARG A 403 -26.99 9.42 29.78
CA ARG A 403 -27.49 10.37 28.79
C ARG A 403 -26.99 10.01 27.43
N ASP A 404 -27.48 10.73 26.41
CA ASP A 404 -27.00 10.65 25.04
C ASP A 404 -27.03 9.25 24.48
N LEU A 405 -28.21 8.69 24.36
CA LEU A 405 -28.39 7.30 23.98
C LEU A 405 -27.86 6.94 22.58
N LYS A 406 -27.95 7.89 21.66
CA LYS A 406 -27.51 7.63 20.30
C LYS A 406 -26.02 7.53 20.26
N THR A 407 -25.33 8.25 21.14
CA THR A 407 -23.88 8.20 21.13
C THR A 407 -23.38 6.97 21.87
N TYR A 408 -22.45 6.21 21.28
CA TYR A 408 -21.89 5.04 21.98
C TYR A 408 -20.81 5.49 22.94
N SER A 409 -21.24 5.98 24.10
CA SER A 409 -20.37 6.57 25.11
C SER A 409 -20.78 6.07 26.48
N VAL A 410 -19.85 6.17 27.43
CA VAL A 410 -20.10 5.69 28.79
C VAL A 410 -19.77 6.78 29.77
N GLN A 411 -20.42 6.73 30.93
CA GLN A 411 -20.08 7.57 32.05
C GLN A 411 -19.61 6.66 33.12
N LEU A 412 -18.72 7.16 33.97
CA LEU A 412 -18.18 6.42 35.10
C LEU A 412 -18.32 7.19 36.40
N LYS A 413 -18.90 6.56 37.43
CA LYS A 413 -19.16 7.17 38.76
C LYS A 413 -18.27 6.56 39.83
N LEU A 414 -17.57 7.40 40.60
CA LEU A 414 -16.68 6.96 41.66
C LEU A 414 -17.40 7.04 43.00
N TYR A 415 -17.15 6.07 43.87
CA TYR A 415 -17.73 6.07 45.19
C TYR A 415 -16.61 5.98 46.20
N ASP A 416 -16.84 6.46 47.41
CA ASP A 416 -15.86 6.27 48.44
C ASP A 416 -16.31 5.03 49.17
N ASP A 417 -15.57 4.64 50.21
CA ASP A 417 -15.85 3.37 50.89
C ASP A 417 -17.04 3.40 51.84
N LYS A 418 -17.96 4.33 51.64
CA LYS A 418 -19.18 4.34 52.43
C LYS A 418 -20.41 4.43 51.53
N ASN A 419 -20.19 4.38 50.22
CA ASN A 419 -21.26 4.48 49.23
C ASN A 419 -21.71 5.93 48.97
N ALA A 420 -20.82 6.86 49.30
CA ALA A 420 -21.02 8.26 48.94
C ALA A 420 -20.39 8.48 47.56
N SER A 421 -20.96 9.39 46.79
CA SER A 421 -20.51 9.59 45.43
C SER A 421 -19.43 10.60 45.33
N LEU A 422 -18.37 10.23 44.63
CA LEU A 422 -17.26 11.13 44.45
C LEU A 422 -17.34 11.80 43.10
N GLY A 423 -18.38 11.50 42.33
CA GLY A 423 -18.56 12.16 41.05
C GLY A 423 -18.34 11.37 39.78
N LEU A 424 -18.85 11.91 38.68
CA LEU A 424 -18.61 11.30 37.39
C LEU A 424 -17.18 11.60 37.00
N VAL A 425 -16.54 10.67 36.33
CA VAL A 425 -15.20 10.88 35.81
C VAL A 425 -15.20 11.87 34.61
N GLY A 426 -14.29 12.85 34.61
CA GLY A 426 -14.19 13.83 33.51
C GLY A 426 -12.88 14.60 33.60
N THR A 427 -12.81 15.81 33.05
CA THR A 427 -11.59 16.60 33.18
C THR A 427 -11.85 17.99 33.76
N HIS A 428 -10.78 18.63 34.19
CA HIS A 428 -10.86 19.97 34.71
C HIS A 428 -9.56 20.67 34.37
N ASN A 429 -9.63 21.78 33.67
CA ASN A 429 -8.40 22.43 33.29
C ASN A 429 -7.80 22.92 34.58
N GLY A 430 -6.50 22.75 34.74
CA GLY A 430 -5.83 23.18 35.95
C GLY A 430 -4.33 23.03 35.79
N GLN A 431 -3.57 23.35 36.81
CA GLN A 431 -2.14 23.25 36.74
C GLN A 431 -1.67 22.47 37.95
N ILE A 432 -0.68 21.60 37.80
CA ILE A 432 -0.16 20.88 38.96
C ILE A 432 1.36 21.00 39.11
N GLY A 433 1.80 21.81 40.07
CA GLY A 433 3.22 21.99 40.38
C GLY A 433 3.88 22.75 39.26
N ASN A 434 4.92 22.18 38.64
CA ASN A 434 5.50 22.90 37.50
C ASN A 434 5.26 22.31 36.13
N ASP A 435 4.37 21.34 36.06
CA ASP A 435 3.93 20.87 34.78
C ASP A 435 3.12 22.03 34.18
N PRO A 436 2.93 22.04 32.86
CA PRO A 436 2.13 23.09 32.22
C PRO A 436 0.59 22.94 32.36
N ASN A 437 -0.14 23.97 31.94
CA ASN A 437 -1.61 23.96 31.97
C ASN A 437 -2.09 22.69 31.32
N ARG A 438 -2.96 21.96 32.02
CA ARG A 438 -3.49 20.74 31.48
C ARG A 438 -4.94 20.45 31.87
N ASP A 439 -5.55 19.55 31.11
CA ASP A 439 -6.87 19.06 31.39
C ASP A 439 -6.66 17.77 32.13
N ILE A 440 -6.81 17.81 33.43
CA ILE A 440 -6.48 16.68 34.28
C ILE A 440 -7.71 15.84 34.52
N LEU A 441 -7.59 14.53 34.53
CA LEU A 441 -8.79 13.71 34.67
C LEU A 441 -9.22 13.84 36.09
N ILE A 442 -10.51 13.98 36.33
CA ILE A 442 -11.01 14.07 37.71
C ILE A 442 -12.26 13.26 37.92
N ALA A 443 -12.69 13.17 39.17
CA ALA A 443 -14.02 12.68 39.49
C ALA A 443 -14.77 13.83 40.17
N SER A 444 -15.97 14.19 39.72
CA SER A 444 -16.69 15.32 40.31
C SER A 444 -18.23 15.21 40.27
N ASN A 445 -18.89 15.73 41.31
CA ASN A 445 -20.36 15.61 41.44
C ASN A 445 -21.05 16.71 40.65
N TRP A 446 -20.27 17.64 40.15
CA TRP A 446 -20.73 18.76 39.34
C TRP A 446 -21.51 18.38 38.09
N TYR A 447 -21.02 17.34 37.44
CA TYR A 447 -21.61 16.89 36.19
C TYR A 447 -23.05 16.56 36.36
N PHE A 448 -23.40 16.16 37.57
CA PHE A 448 -24.74 15.75 37.86
C PHE A 448 -25.78 16.88 37.79
N ASN A 449 -25.38 18.15 37.68
CA ASN A 449 -26.36 19.22 37.40
C ASN A 449 -26.41 19.60 35.91
N HIS A 450 -25.55 19.03 35.08
CA HIS A 450 -25.51 19.45 33.67
C HIS A 450 -25.85 18.32 32.71
N LEU A 451 -26.58 17.35 33.24
CA LEU A 451 -26.88 16.13 32.50
C LEU A 451 -27.77 16.23 31.27
N LYS A 452 -28.33 17.41 30.97
CA LYS A 452 -29.13 17.63 29.78
C LYS A 452 -28.30 18.41 28.77
N ASP A 453 -27.07 18.76 29.13
CA ASP A 453 -26.27 19.56 28.21
C ASP A 453 -26.13 18.79 26.92
N LYS A 454 -25.99 19.45 25.79
CA LYS A 454 -25.82 18.64 24.60
C LYS A 454 -24.41 18.10 24.54
N ILE A 455 -23.44 18.85 25.01
CA ILE A 455 -22.09 18.30 25.10
C ILE A 455 -21.68 18.31 26.55
N LEU A 456 -21.15 17.20 27.05
CA LEU A 456 -20.67 17.11 28.41
C LEU A 456 -19.27 16.55 28.49
N GLY A 457 -18.55 16.96 29.52
CA GLY A 457 -17.16 16.62 29.65
C GLY A 457 -16.95 15.33 30.36
N CYS A 458 -18.00 14.65 30.78
CA CYS A 458 -17.80 13.39 31.43
C CYS A 458 -18.20 12.21 30.52
N ASP A 459 -18.16 12.44 29.23
CA ASP A 459 -18.63 11.46 28.30
C ASP A 459 -17.44 10.76 27.67
N TRP A 460 -17.33 9.43 27.82
CA TRP A 460 -16.19 8.73 27.27
C TRP A 460 -16.47 7.71 26.13
N TYR A 461 -15.56 7.68 25.16
CA TYR A 461 -15.54 6.63 24.17
C TYR A 461 -14.57 5.52 24.69
N PHE A 462 -14.97 4.26 24.62
CA PHE A 462 -14.09 3.14 24.95
C PHE A 462 -13.69 2.49 23.63
N VAL A 463 -12.45 2.69 23.21
CA VAL A 463 -12.00 2.23 21.91
C VAL A 463 -11.05 1.01 21.88
N PRO A 464 -11.54 -0.12 21.41
CA PRO A 464 -10.72 -1.32 21.32
C PRO A 464 -10.09 -1.45 19.97
N THR A 465 -8.89 -2.01 19.83
CA THR A 465 -8.36 -2.24 18.49
C THR A 465 -9.29 -3.11 17.73
N ASP A 466 -9.29 -2.90 16.41
CA ASP A 466 -10.25 -3.56 15.54
C ASP A 466 -9.74 -3.71 14.10
N GLU A 467 -9.93 -4.89 13.53
CA GLU A 467 -9.53 -5.17 12.14
C GLU A 467 -9.96 -4.05 11.17
N GLY A 468 -11.17 -3.58 11.42
CA GLY A 468 -11.84 -2.55 10.65
C GLY A 468 -11.24 -1.18 10.77
N TRP A 469 -10.37 -0.93 11.73
CA TRP A 469 -9.74 0.36 11.74
C TRP A 469 -8.29 0.11 11.92
N THR A 470 -7.52 0.53 10.94
CA THR A 470 -6.11 0.43 11.03
C THR A 470 -5.59 1.70 10.50
N ASN A 471 -4.76 2.36 11.29
CA ASN A 471 -4.10 3.57 10.85
C ASN A 471 -3.23 3.17 9.64
N ASP A 472 -3.27 3.95 8.58
CA ASP A 472 -2.45 3.60 7.43
C ASP A 472 -1.07 4.12 7.73
N LYS B 22 41.27 -33.47 -20.33
CA LYS B 22 42.48 -33.83 -19.51
C LYS B 22 43.27 -32.54 -19.14
N ASN B 23 44.59 -32.57 -19.39
CA ASN B 23 45.44 -31.37 -19.31
C ASN B 23 44.91 -30.08 -19.94
N LEU B 24 44.18 -30.16 -21.05
CA LEU B 24 43.66 -28.95 -21.69
C LEU B 24 42.98 -28.09 -20.64
N ASP B 25 43.26 -26.78 -20.70
CA ASP B 25 42.76 -25.78 -19.75
C ASP B 25 43.31 -24.44 -20.26
N CYS B 26 43.71 -23.57 -19.36
CA CYS B 26 44.36 -22.34 -19.80
C CYS B 26 45.40 -21.90 -18.76
N TRP B 27 46.63 -21.86 -19.26
CA TRP B 27 47.90 -21.63 -18.53
C TRP B 27 48.01 -20.70 -17.30
N VAL B 28 46.92 -20.27 -16.70
CA VAL B 28 47.04 -19.30 -15.61
C VAL B 28 46.16 -19.49 -14.35
N ASP B 29 46.29 -18.50 -13.47
CA ASP B 29 45.47 -18.24 -12.27
C ASP B 29 46.10 -16.98 -11.65
N ASN B 30 47.41 -16.84 -11.85
CA ASN B 30 48.17 -15.68 -11.40
C ASN B 30 49.48 -15.60 -12.17
N GLU B 31 49.44 -15.43 -13.49
CA GLU B 31 50.68 -15.40 -14.29
C GLU B 31 51.07 -14.03 -14.90
N GLU B 32 50.32 -13.53 -15.87
CA GLU B 32 50.65 -12.24 -16.49
C GLU B 32 49.51 -11.23 -16.25
N ASP B 33 49.54 -10.11 -16.97
CA ASP B 33 48.52 -9.07 -16.84
C ASP B 33 47.09 -9.60 -17.03
N ILE B 34 46.24 -9.46 -16.02
CA ILE B 34 44.86 -9.93 -16.12
C ILE B 34 44.23 -9.66 -17.50
N ASP B 35 44.42 -8.46 -18.04
CA ASP B 35 43.83 -8.12 -19.34
C ASP B 35 44.27 -9.10 -20.42
N VAL B 36 45.57 -9.34 -20.48
CA VAL B 36 46.14 -10.32 -21.39
C VAL B 36 45.42 -11.68 -21.22
N ILE B 37 45.36 -12.14 -19.98
CA ILE B 37 44.74 -13.43 -19.67
C ILE B 37 43.32 -13.45 -20.18
N LEU B 38 42.58 -12.36 -19.97
CA LEU B 38 41.20 -12.27 -20.45
C LEU B 38 41.08 -12.52 -21.97
N LYS B 39 41.93 -11.85 -22.77
CA LYS B 39 41.93 -12.02 -24.24
C LYS B 39 42.37 -13.41 -24.70
N LYS B 40 43.53 -13.85 -24.24
CA LYS B 40 44.06 -15.16 -24.59
C LYS B 40 43.10 -16.31 -24.22
N SER B 41 42.35 -16.20 -23.12
CA SER B 41 41.46 -17.31 -22.76
C SER B 41 40.05 -17.18 -23.34
N THR B 42 39.86 -16.21 -24.22
CA THR B 42 38.56 -15.98 -24.81
C THR B 42 38.36 -16.77 -26.11
N ILE B 43 37.42 -17.70 -26.09
CA ILE B 43 37.16 -18.48 -27.29
C ILE B 43 35.97 -17.99 -28.12
N LEU B 44 34.99 -17.34 -27.49
CA LEU B 44 33.87 -16.77 -28.21
C LEU B 44 33.55 -15.36 -27.66
N ASN B 45 33.16 -14.43 -28.53
CA ASN B 45 32.93 -13.05 -28.09
C ASN B 45 32.05 -12.29 -29.05
N LEU B 46 30.75 -12.22 -28.77
CA LEU B 46 29.81 -11.57 -29.69
C LEU B 46 29.79 -10.05 -29.64
N ASP B 47 30.03 -9.40 -30.77
CA ASP B 47 30.01 -7.94 -30.82
C ASP B 47 28.96 -7.59 -31.85
N ILE B 48 28.44 -6.38 -31.80
CA ILE B 48 27.49 -5.95 -32.80
C ILE B 48 27.98 -4.70 -33.43
N ASN B 49 28.39 -4.75 -34.69
CA ASN B 49 28.85 -3.54 -35.37
C ASN B 49 28.23 -3.40 -36.73
N ASN B 50 27.47 -2.33 -36.92
CA ASN B 50 26.82 -2.06 -38.18
C ASN B 50 25.67 -2.99 -38.29
N ASP B 51 25.06 -3.22 -37.13
CA ASP B 51 23.85 -3.99 -36.99
C ASP B 51 23.99 -5.43 -37.36
N ILE B 52 25.24 -5.92 -37.36
CA ILE B 52 25.53 -7.32 -37.65
C ILE B 52 26.19 -7.95 -36.45
N ILE B 53 25.55 -8.99 -35.87
CA ILE B 53 26.11 -9.73 -34.73
C ILE B 53 27.18 -10.70 -35.19
N SER B 54 28.37 -10.67 -34.58
CA SER B 54 29.47 -11.53 -35.07
C SER B 54 30.48 -11.87 -33.98
N ASP B 55 31.32 -12.88 -34.22
CA ASP B 55 32.35 -13.34 -33.26
C ASP B 55 33.63 -12.57 -33.51
N ILE B 56 34.16 -11.92 -32.49
CA ILE B 56 35.39 -11.13 -32.65
C ILE B 56 36.58 -11.69 -31.88
N SER B 57 36.41 -12.88 -31.30
CA SER B 57 37.54 -13.61 -30.77
C SER B 57 38.10 -14.17 -32.06
N GLY B 58 39.39 -14.19 -32.27
CA GLY B 58 39.87 -14.56 -33.60
C GLY B 58 39.41 -15.90 -34.20
N PHE B 59 38.44 -16.57 -33.58
CA PHE B 59 38.02 -17.90 -34.03
C PHE B 59 36.95 -18.01 -35.12
N ASN B 60 36.32 -16.93 -35.49
CA ASN B 60 35.31 -16.99 -36.53
C ASN B 60 34.11 -17.90 -36.31
N SER B 61 33.64 -18.15 -35.08
CA SER B 61 32.46 -19.01 -34.97
C SER B 61 31.39 -18.37 -35.86
N SER B 62 30.49 -19.18 -36.39
CA SER B 62 29.49 -18.56 -37.23
C SER B 62 28.28 -18.24 -36.44
N VAL B 63 27.76 -17.03 -36.66
CA VAL B 63 26.60 -16.52 -35.97
C VAL B 63 25.52 -16.20 -37.01
N ILE B 64 24.35 -16.82 -36.85
CA ILE B 64 23.20 -16.56 -37.75
C ILE B 64 22.08 -15.89 -36.99
N THR B 65 21.78 -14.67 -37.39
CA THR B 65 20.74 -13.87 -36.77
C THR B 65 19.38 -14.17 -37.47
N TYR B 66 18.40 -14.64 -36.70
CA TYR B 66 17.05 -14.91 -37.24
C TYR B 66 16.15 -13.68 -37.22
N PRO B 67 15.18 -13.67 -38.11
CA PRO B 67 14.32 -12.51 -38.38
C PRO B 67 13.79 -11.63 -37.25
N ASP B 68 13.13 -12.13 -36.18
CA ASP B 68 12.60 -11.24 -35.13
C ASP B 68 13.57 -11.04 -33.96
N ALA B 69 14.83 -11.41 -34.15
CA ALA B 69 15.83 -10.97 -33.20
C ALA B 69 16.02 -9.48 -33.48
N GLN B 70 16.06 -8.65 -32.44
CA GLN B 70 16.21 -7.23 -32.63
C GLN B 70 17.41 -6.65 -31.94
N LEU B 71 17.73 -5.42 -32.34
CA LEU B 71 18.79 -4.61 -31.70
C LEU B 71 18.22 -3.52 -30.77
N VAL B 72 18.92 -3.27 -29.68
CA VAL B 72 18.58 -2.26 -28.68
C VAL B 72 19.85 -1.63 -28.14
N PRO B 73 19.70 -0.47 -27.52
CA PRO B 73 20.82 0.15 -26.81
C PRO B 73 21.42 -0.79 -25.75
N GLY B 74 22.74 -0.84 -25.57
CA GLY B 74 23.39 -1.66 -24.58
C GLY B 74 24.45 -0.87 -23.80
N ILE B 75 25.31 -1.50 -22.98
CA ILE B 75 26.30 -0.71 -22.19
C ILE B 75 27.43 -0.28 -23.04
N ASN B 76 27.43 -0.62 -24.32
CA ASN B 76 28.57 -0.17 -25.14
C ASN B 76 28.42 -0.51 -26.59
N GLY B 77 27.29 -0.12 -27.18
CA GLY B 77 27.02 -0.34 -28.60
C GLY B 77 25.56 -0.70 -28.76
N LYS B 78 25.25 -1.80 -29.43
CA LYS B 78 23.87 -2.24 -29.50
C LYS B 78 23.81 -3.57 -28.76
N ALA B 79 22.60 -4.02 -28.45
CA ALA B 79 22.44 -5.24 -27.70
C ALA B 79 21.42 -6.15 -28.36
N ILE B 80 21.44 -7.43 -28.01
CA ILE B 80 20.54 -8.40 -28.63
C ILE B 80 19.25 -8.44 -27.87
N HIS B 81 18.13 -8.24 -28.55
CA HIS B 81 16.86 -8.23 -27.84
C HIS B 81 16.05 -9.44 -28.34
N LEU B 82 15.47 -10.21 -27.41
CA LEU B 82 14.69 -11.37 -27.77
C LEU B 82 13.32 -11.30 -27.19
N VAL B 83 12.32 -11.58 -28.05
CA VAL B 83 10.91 -11.59 -27.72
C VAL B 83 10.42 -13.01 -27.85
N ASN B 84 9.27 -13.33 -27.26
CA ASN B 84 8.74 -14.68 -27.24
C ASN B 84 8.12 -15.18 -28.56
N ASN B 85 8.96 -15.29 -29.59
CA ASN B 85 8.50 -15.75 -30.89
C ASN B 85 9.52 -16.70 -31.49
N GLU B 86 9.08 -17.78 -32.11
CA GLU B 86 10.05 -18.77 -32.60
C GLU B 86 10.98 -18.16 -33.62
N SER B 87 10.67 -16.95 -34.03
CA SER B 87 11.48 -16.26 -35.01
C SER B 87 12.58 -15.40 -34.35
N SER B 88 12.55 -15.29 -33.03
CA SER B 88 13.47 -14.42 -32.34
C SER B 88 14.55 -15.16 -31.59
N GLU B 89 15.59 -15.48 -32.34
CA GLU B 89 16.72 -16.18 -31.79
C GLU B 89 17.93 -15.84 -32.59
N VAL B 90 19.09 -16.17 -32.03
CA VAL B 90 20.38 -15.96 -32.65
C VAL B 90 21.12 -17.24 -32.36
N ILE B 91 21.80 -17.83 -33.37
CA ILE B 91 22.50 -19.10 -33.18
C ILE B 91 23.96 -19.07 -33.54
N VAL B 92 24.81 -19.46 -32.60
CA VAL B 92 26.23 -19.60 -32.88
C VAL B 92 26.58 -21.05 -33.17
N HIS B 93 27.29 -21.29 -34.27
CA HIS B 93 27.78 -22.62 -34.55
C HIS B 93 29.26 -22.63 -34.29
N LYS B 94 29.66 -23.33 -33.25
CA LYS B 94 31.04 -23.33 -32.78
C LYS B 94 32.06 -23.55 -33.88
N ALA B 95 33.14 -22.78 -33.80
CA ALA B 95 34.27 -22.93 -34.70
C ALA B 95 35.01 -24.20 -34.29
N MET B 96 35.84 -24.70 -35.20
CA MET B 96 36.41 -26.02 -35.03
C MET B 96 37.85 -26.13 -34.56
N ASP B 97 38.38 -25.14 -33.87
CA ASP B 97 39.80 -25.28 -33.51
C ASP B 97 40.03 -26.17 -32.25
N ILE B 98 40.08 -25.59 -31.06
CA ILE B 98 40.14 -26.38 -29.82
C ILE B 98 38.94 -25.90 -29.02
N GLU B 99 37.97 -25.36 -29.75
CA GLU B 99 36.80 -24.69 -29.20
C GLU B 99 35.68 -25.62 -28.71
N TYR B 100 35.83 -26.92 -28.89
CA TYR B 100 34.76 -27.84 -28.53
C TYR B 100 34.82 -28.45 -27.14
N ASN B 101 36.01 -28.83 -26.71
CA ASN B 101 36.20 -29.54 -25.45
C ASN B 101 35.83 -28.70 -24.20
N ASP B 102 34.54 -28.74 -23.83
CA ASP B 102 34.02 -28.21 -22.56
C ASP B 102 33.69 -29.49 -21.80
N MET B 103 34.11 -30.58 -22.43
CA MET B 103 33.95 -31.97 -21.99
C MET B 103 34.32 -32.14 -20.54
N PHE B 104 35.64 -32.00 -20.27
CA PHE B 104 36.18 -32.09 -18.92
C PHE B 104 36.91 -30.82 -18.50
N ASN B 105 37.32 -30.01 -19.47
CA ASN B 105 37.99 -28.75 -19.20
C ASN B 105 37.19 -27.69 -18.36
N ASN B 106 37.78 -26.51 -18.18
CA ASN B 106 37.16 -25.45 -17.42
C ASN B 106 36.58 -24.41 -18.38
N PHE B 107 35.52 -23.73 -17.96
CA PHE B 107 35.01 -22.67 -18.81
C PHE B 107 34.24 -21.65 -18.02
N THR B 108 34.08 -20.51 -18.60
CA THR B 108 33.39 -19.45 -17.91
C THR B 108 32.41 -18.83 -18.90
N VAL B 109 31.21 -18.51 -18.43
CA VAL B 109 30.28 -17.76 -19.25
C VAL B 109 29.99 -16.38 -18.66
N SER B 110 30.19 -15.36 -19.50
CA SER B 110 29.90 -13.95 -19.10
C SER B 110 28.91 -13.32 -20.07
N PHE B 111 28.14 -12.34 -19.63
CA PHE B 111 27.24 -11.56 -20.53
C PHE B 111 26.47 -10.54 -19.76
N TRP B 112 26.19 -9.43 -20.41
CA TRP B 112 25.29 -8.46 -19.83
C TRP B 112 23.83 -8.93 -20.07
N LEU B 113 23.02 -8.88 -19.01
CA LEU B 113 21.61 -9.29 -19.05
C LEU B 113 20.66 -8.14 -18.64
N ARG B 114 19.45 -8.11 -19.20
CA ARG B 114 18.44 -7.14 -18.80
C ARG B 114 17.13 -7.80 -19.07
N VAL B 115 16.31 -7.84 -18.03
CA VAL B 115 15.10 -8.57 -17.95
C VAL B 115 14.12 -7.56 -17.31
N PRO B 116 12.92 -7.36 -17.84
CA PRO B 116 12.03 -6.34 -17.30
C PRO B 116 11.46 -6.62 -15.89
N LYS B 117 10.95 -5.62 -15.19
CA LYS B 117 10.40 -5.95 -13.91
C LYS B 117 9.15 -6.77 -14.17
N VAL B 118 9.13 -8.01 -13.73
CA VAL B 118 7.95 -8.81 -13.94
C VAL B 118 6.76 -8.24 -13.21
N SER B 119 5.66 -8.06 -13.90
CA SER B 119 4.44 -7.59 -13.26
C SER B 119 3.99 -8.64 -12.25
N ALA B 120 3.17 -8.24 -11.29
CA ALA B 120 2.66 -9.19 -10.30
C ALA B 120 1.69 -10.22 -10.91
N SER B 121 0.90 -9.81 -11.86
CA SER B 121 -0.07 -10.66 -12.46
C SER B 121 0.67 -11.81 -13.14
N HIS B 122 1.77 -11.45 -13.79
CA HIS B 122 2.63 -12.38 -14.48
C HIS B 122 3.44 -13.28 -13.55
N LEU B 123 3.61 -12.90 -12.30
CA LEU B 123 4.37 -13.71 -11.37
C LEU B 123 3.38 -14.63 -10.79
N GLU B 124 2.19 -14.09 -10.63
CA GLU B 124 1.12 -14.92 -10.17
C GLU B 124 0.87 -16.03 -11.18
N GLN B 125 0.88 -15.70 -12.46
CA GLN B 125 0.67 -16.74 -13.44
C GLN B 125 1.85 -17.44 -14.06
N TYR B 126 3.00 -16.80 -14.27
CA TYR B 126 4.13 -17.51 -14.90
C TYR B 126 5.36 -17.61 -14.02
N GLY B 127 5.16 -17.39 -12.72
CA GLY B 127 6.19 -17.47 -11.72
C GLY B 127 6.90 -18.79 -11.48
N THR B 128 6.31 -19.91 -11.88
CA THR B 128 6.96 -21.23 -11.72
C THR B 128 7.33 -21.83 -13.07
N ASN B 129 7.29 -20.99 -14.09
CA ASN B 129 7.58 -21.37 -15.43
C ASN B 129 9.01 -21.09 -15.76
N GLU B 130 9.80 -22.14 -15.61
CA GLU B 130 11.19 -22.01 -15.91
C GLU B 130 11.32 -22.02 -17.39
N TYR B 131 12.01 -21.03 -17.95
CA TYR B 131 12.16 -21.00 -19.40
C TYR B 131 13.61 -20.69 -19.65
N SER B 132 14.10 -21.11 -20.82
CA SER B 132 15.48 -21.00 -21.16
C SER B 132 15.73 -19.78 -21.97
N ILE B 133 16.94 -19.23 -21.86
CA ILE B 133 17.32 -18.09 -22.71
C ILE B 133 18.62 -18.31 -23.48
N ILE B 134 19.57 -18.98 -22.87
CA ILE B 134 20.82 -19.29 -23.50
C ILE B 134 21.11 -20.77 -23.19
N SER B 135 21.37 -21.53 -24.23
CA SER B 135 21.53 -22.98 -24.11
C SER B 135 22.58 -23.55 -25.02
N SER B 136 23.25 -24.58 -24.53
CA SER B 136 24.22 -25.32 -25.35
C SER B 136 23.95 -26.81 -25.33
N MET B 137 22.85 -27.25 -24.76
CA MET B 137 22.61 -28.69 -24.66
C MET B 137 22.38 -29.40 -26.01
N LYS B 138 22.66 -30.69 -26.09
CA LYS B 138 22.52 -31.35 -27.37
C LYS B 138 21.09 -31.79 -27.50
N LYS B 139 20.40 -31.33 -28.52
CA LYS B 139 19.02 -31.68 -28.61
C LYS B 139 18.98 -33.09 -29.20
N HIS B 140 18.12 -33.96 -28.64
CA HIS B 140 17.99 -35.36 -29.12
C HIS B 140 16.55 -35.80 -29.48
N SER B 141 16.47 -36.80 -30.34
CA SER B 141 15.20 -37.37 -30.77
C SER B 141 14.17 -37.61 -29.66
N LEU B 142 14.62 -38.19 -28.56
CA LEU B 142 13.74 -38.47 -27.44
C LEU B 142 14.06 -37.73 -26.17
N SER B 143 15.09 -36.86 -26.19
CA SER B 143 15.48 -36.16 -24.97
C SER B 143 16.43 -35.04 -25.21
N ILE B 144 16.68 -34.21 -24.18
CA ILE B 144 17.75 -33.22 -24.26
C ILE B 144 19.00 -33.81 -23.64
N GLY B 145 20.12 -33.58 -24.29
CA GLY B 145 21.39 -34.11 -23.84
C GLY B 145 22.22 -33.17 -22.99
N SER B 146 23.52 -33.17 -23.24
CA SER B 146 24.47 -32.53 -22.37
C SER B 146 24.87 -31.14 -22.80
N GLY B 147 25.30 -30.36 -21.81
CA GLY B 147 25.64 -28.97 -22.03
C GLY B 147 25.20 -28.16 -20.86
N TRP B 148 24.97 -26.89 -21.08
CA TRP B 148 24.50 -26.01 -20.03
C TRP B 148 23.49 -25.05 -20.54
N SER B 149 22.85 -24.43 -19.59
CA SER B 149 21.84 -23.52 -19.96
C SER B 149 21.67 -22.47 -18.90
N VAL B 150 21.22 -21.32 -19.39
CA VAL B 150 20.91 -20.21 -18.54
C VAL B 150 19.43 -20.12 -18.72
N SER B 151 18.71 -20.08 -17.61
CA SER B 151 17.28 -19.97 -17.74
C SER B 151 16.70 -19.07 -16.67
N LEU B 152 15.49 -18.60 -16.90
CA LEU B 152 14.84 -17.72 -15.96
C LEU B 152 13.61 -18.43 -15.43
N LYS B 153 13.18 -18.12 -14.22
CA LYS B 153 11.95 -18.63 -13.65
C LYS B 153 11.41 -17.66 -12.67
N GLY B 154 10.43 -16.91 -13.12
CA GLY B 154 9.89 -15.85 -12.31
C GLY B 154 11.03 -14.93 -12.01
N ASN B 155 11.30 -14.73 -10.74
CA ASN B 155 12.39 -13.86 -10.40
C ASN B 155 13.58 -14.68 -9.91
N ASN B 156 13.87 -15.76 -10.59
CA ASN B 156 15.02 -16.62 -10.25
C ASN B 156 15.93 -16.74 -11.48
N LEU B 157 17.24 -16.73 -11.27
CA LEU B 157 18.13 -16.84 -12.40
C LEU B 157 18.85 -18.15 -12.17
N ILE B 158 18.83 -19.04 -13.17
CA ILE B 158 19.35 -20.40 -13.02
C ILE B 158 20.41 -20.88 -14.02
N TRP B 159 21.51 -21.40 -13.47
CA TRP B 159 22.56 -21.98 -14.27
C TRP B 159 22.43 -23.49 -14.22
N THR B 160 22.48 -24.14 -15.35
CA THR B 160 22.36 -25.56 -15.25
C THR B 160 23.39 -26.33 -16.09
N LEU B 161 23.98 -27.36 -15.44
CA LEU B 161 24.91 -28.28 -16.12
C LEU B 161 24.43 -29.71 -16.11
N LYS B 162 24.54 -30.35 -17.25
CA LYS B 162 24.19 -31.75 -17.35
C LYS B 162 25.30 -32.57 -18.03
N ASP B 163 25.66 -33.72 -17.49
CA ASP B 163 26.71 -34.51 -18.15
C ASP B 163 26.06 -35.49 -19.09
N SER B 164 26.89 -36.17 -19.88
CA SER B 164 26.37 -37.15 -20.85
C SER B 164 25.70 -38.37 -20.22
N ALA B 165 25.83 -38.54 -18.90
CA ALA B 165 25.24 -39.65 -18.18
C ALA B 165 23.92 -39.25 -17.49
N GLY B 166 23.53 -38.00 -17.69
CA GLY B 166 22.29 -37.46 -17.16
C GLY B 166 22.31 -36.93 -15.75
N GLU B 167 23.50 -36.75 -15.18
CA GLU B 167 23.67 -36.12 -13.89
C GLU B 167 23.58 -34.58 -14.07
N VAL B 168 22.93 -33.93 -13.09
CA VAL B 168 22.63 -32.52 -13.14
C VAL B 168 23.14 -31.67 -11.96
N ARG B 169 23.75 -30.55 -12.33
CA ARG B 169 24.17 -29.58 -11.33
C ARG B 169 23.42 -28.31 -11.68
N GLN B 170 23.03 -27.57 -10.65
CA GLN B 170 22.22 -26.40 -10.84
C GLN B 170 22.49 -25.36 -9.78
N ILE B 171 22.79 -24.13 -10.21
CA ILE B 171 22.77 -22.98 -9.28
C ILE B 171 21.47 -22.24 -9.50
N THR B 172 20.75 -22.00 -8.41
CA THR B 172 19.58 -21.17 -8.49
C THR B 172 19.73 -19.85 -7.74
N PHE B 173 19.64 -18.72 -8.44
CA PHE B 173 19.69 -17.40 -7.80
C PHE B 173 18.30 -16.79 -7.65
N ARG B 174 17.93 -16.52 -6.43
CA ARG B 174 16.68 -15.89 -6.06
C ARG B 174 16.84 -14.39 -5.88
N ASP B 175 16.36 -13.59 -6.83
CA ASP B 175 16.50 -12.15 -6.77
C ASP B 175 16.00 -11.57 -5.50
N LEU B 176 16.40 -10.31 -5.28
CA LEU B 176 16.05 -9.56 -4.12
C LEU B 176 14.65 -9.10 -4.31
N PRO B 177 13.92 -9.04 -3.22
CA PRO B 177 12.54 -8.59 -3.23
C PRO B 177 12.33 -7.09 -3.47
N ASP B 178 13.34 -6.27 -3.20
CA ASP B 178 13.20 -4.84 -3.41
C ASP B 178 13.59 -4.64 -4.82
N LYS B 179 12.59 -4.38 -5.66
CA LYS B 179 12.82 -4.29 -7.07
C LYS B 179 13.61 -3.09 -7.53
N PHE B 180 13.68 -2.03 -6.72
CA PHE B 180 14.44 -0.85 -7.08
C PHE B 180 15.90 -1.18 -7.05
N ASN B 181 16.26 -2.14 -6.23
CA ASN B 181 17.62 -2.55 -6.06
C ASN B 181 17.90 -3.91 -6.56
N ALA B 182 16.96 -4.52 -7.24
CA ALA B 182 17.13 -5.93 -7.63
C ALA B 182 17.81 -6.16 -8.98
N TYR B 183 18.17 -7.41 -9.26
CA TYR B 183 19.01 -7.70 -10.40
C TYR B 183 18.23 -8.09 -11.58
N LEU B 184 17.08 -8.63 -11.34
CA LEU B 184 16.26 -9.00 -12.47
C LEU B 184 15.05 -8.13 -12.47
N ALA B 185 15.24 -6.86 -12.78
CA ALA B 185 14.14 -5.93 -12.69
C ALA B 185 14.43 -4.67 -13.47
N ASN B 186 14.97 -4.86 -14.67
CA ASN B 186 15.01 -3.86 -15.72
C ASN B 186 16.26 -3.07 -15.88
N LYS B 187 17.29 -3.30 -15.08
CA LYS B 187 18.56 -2.62 -15.38
C LYS B 187 19.52 -3.65 -15.96
N TRP B 188 20.45 -3.19 -16.78
CA TRP B 188 21.57 -3.99 -17.17
C TRP B 188 22.38 -4.49 -15.99
N VAL B 189 22.59 -5.81 -15.94
CA VAL B 189 23.47 -6.40 -14.93
C VAL B 189 24.42 -7.45 -15.54
N PHE B 190 25.64 -7.59 -15.04
CA PHE B 190 26.68 -8.40 -15.69
C PHE B 190 26.71 -9.75 -15.09
N ILE B 191 26.55 -10.77 -15.94
CA ILE B 191 26.49 -12.12 -15.44
C ILE B 191 27.76 -12.76 -15.81
N THR B 192 28.38 -13.46 -14.89
CA THR B 192 29.44 -14.33 -15.24
C THR B 192 29.29 -15.60 -14.42
N ILE B 193 29.41 -16.77 -15.06
CA ILE B 193 29.41 -18.03 -14.32
C ILE B 193 30.68 -18.78 -14.61
N THR B 194 31.32 -19.29 -13.57
CA THR B 194 32.56 -20.02 -13.77
C THR B 194 32.36 -21.46 -13.49
N ASN B 195 32.91 -22.31 -14.34
CA ASN B 195 32.92 -23.74 -13.99
C ASN B 195 34.33 -24.32 -13.91
N ASP B 196 34.69 -24.79 -12.72
CA ASP B 196 35.96 -25.45 -12.46
C ASP B 196 35.57 -26.88 -12.24
N ARG B 197 35.98 -27.77 -13.13
CA ARG B 197 35.56 -29.17 -13.03
C ARG B 197 36.23 -29.93 -11.88
N LEU B 198 37.23 -29.33 -11.23
CA LEU B 198 37.81 -29.93 -10.07
C LEU B 198 37.18 -29.41 -8.79
N SER B 199 36.35 -28.39 -8.90
CA SER B 199 35.65 -27.87 -7.74
C SER B 199 34.19 -27.48 -7.98
N SER B 200 33.94 -26.19 -8.23
CA SER B 200 32.59 -25.62 -8.24
C SER B 200 32.18 -24.89 -9.50
N ALA B 201 30.87 -24.73 -9.63
CA ALA B 201 30.30 -23.85 -10.64
C ALA B 201 29.99 -22.64 -9.86
N ASN B 202 30.39 -21.48 -10.37
CA ASN B 202 30.21 -20.22 -9.61
C ASN B 202 29.44 -19.14 -10.31
N LEU B 203 28.41 -18.63 -9.67
CA LEU B 203 27.61 -17.61 -10.28
C LEU B 203 27.79 -16.24 -9.65
N TYR B 204 28.20 -15.30 -10.50
CA TYR B 204 28.42 -13.94 -10.11
C TYR B 204 27.43 -12.99 -10.85
N ILE B 205 27.06 -11.91 -10.17
CA ILE B 205 26.28 -10.85 -10.77
C ILE B 205 26.98 -9.59 -10.39
N ASN B 206 27.46 -8.83 -11.37
CA ASN B 206 28.17 -7.57 -11.10
C ASN B 206 29.41 -7.79 -10.25
N GLY B 207 30.11 -8.89 -10.52
CA GLY B 207 31.34 -9.26 -9.86
C GLY B 207 31.23 -9.89 -8.50
N VAL B 208 30.00 -10.05 -8.00
CA VAL B 208 29.79 -10.51 -6.64
C VAL B 208 29.17 -11.90 -6.59
N LEU B 209 29.65 -12.74 -5.68
CA LEU B 209 29.23 -14.15 -5.57
C LEU B 209 27.79 -14.36 -5.13
N MET B 210 26.98 -15.04 -5.95
CA MET B 210 25.59 -15.18 -5.59
C MET B 210 25.16 -16.63 -5.32
N GLY B 211 25.95 -17.60 -5.80
CA GLY B 211 25.65 -18.99 -5.53
C GLY B 211 26.61 -19.95 -6.23
N SER B 212 26.72 -21.14 -5.69
CA SER B 212 27.57 -22.13 -6.33
C SER B 212 27.03 -23.50 -6.10
N ALA B 213 27.79 -24.47 -6.57
CA ALA B 213 27.42 -25.85 -6.52
C ALA B 213 28.64 -26.66 -6.81
N GLU B 214 28.93 -27.64 -5.97
CA GLU B 214 30.03 -28.55 -6.27
C GLU B 214 29.63 -29.27 -7.51
N ILE B 215 30.58 -29.49 -8.40
CA ILE B 215 30.28 -30.20 -9.64
C ILE B 215 31.29 -31.34 -9.89
N THR B 216 32.10 -31.66 -8.88
CA THR B 216 33.10 -32.72 -9.00
C THR B 216 32.32 -34.01 -9.21
N GLY B 217 32.88 -34.93 -10.00
CA GLY B 217 32.18 -36.19 -10.21
C GLY B 217 31.13 -36.16 -11.30
N LEU B 218 31.14 -35.11 -12.11
CA LEU B 218 30.28 -35.01 -13.27
C LEU B 218 31.06 -35.58 -14.44
N GLY B 219 30.41 -36.35 -15.29
CA GLY B 219 31.11 -36.93 -16.41
C GLY B 219 31.33 -35.96 -17.54
N ALA B 220 31.14 -36.45 -18.75
CA ALA B 220 31.41 -35.70 -19.98
C ALA B 220 30.36 -34.69 -20.37
N ILE B 221 30.81 -33.53 -20.83
CA ILE B 221 29.91 -32.48 -21.27
C ILE B 221 30.01 -32.29 -22.75
N ARG B 222 29.25 -33.10 -23.48
CA ARG B 222 29.21 -32.99 -24.92
C ARG B 222 28.11 -31.99 -25.12
N GLU B 223 28.46 -30.72 -25.23
CA GLU B 223 27.43 -29.68 -25.38
C GLU B 223 26.65 -29.93 -26.67
N ASP B 224 26.40 -28.89 -27.44
CA ASP B 224 25.91 -29.09 -28.78
C ASP B 224 26.84 -28.17 -29.53
N ASN B 225 27.29 -28.54 -30.71
CA ASN B 225 28.23 -27.64 -31.37
C ASN B 225 27.54 -26.30 -31.65
N ASN B 226 26.28 -26.16 -31.19
CA ASN B 226 25.51 -24.91 -31.34
C ASN B 226 25.02 -24.28 -30.03
N ILE B 227 25.26 -22.98 -29.91
CA ILE B 227 24.77 -22.22 -28.77
C ILE B 227 23.51 -21.48 -29.20
N THR B 228 22.42 -21.68 -28.46
CA THR B 228 21.17 -20.99 -28.84
C THR B 228 20.68 -19.90 -27.86
N LEU B 229 20.49 -18.69 -28.37
CA LEU B 229 19.98 -17.55 -27.58
C LEU B 229 18.55 -17.37 -28.01
N LYS B 230 17.61 -17.73 -27.14
CA LYS B 230 16.22 -17.62 -27.47
C LYS B 230 15.30 -18.06 -26.33
N LEU B 231 14.10 -17.47 -26.23
CA LEU B 231 13.22 -17.91 -25.14
C LEU B 231 12.69 -19.27 -25.54
N ASP B 232 12.72 -20.24 -24.66
CA ASP B 232 12.23 -21.55 -25.02
C ASP B 232 11.47 -22.07 -23.82
N ARG B 233 10.26 -22.56 -24.09
CA ARG B 233 9.27 -23.02 -23.09
C ARG B 233 8.74 -21.91 -22.19
N CYS B 234 8.65 -20.70 -22.74
CA CYS B 234 8.11 -19.53 -22.01
C CYS B 234 6.63 -19.32 -22.30
N ASN B 235 5.82 -19.51 -21.26
CA ASN B 235 4.38 -19.41 -21.39
C ASN B 235 3.89 -17.98 -21.40
N ASN B 236 4.72 -17.04 -20.95
CA ASN B 236 4.31 -15.64 -20.92
C ASN B 236 4.64 -15.02 -22.27
N ASN B 237 3.61 -14.53 -22.93
CA ASN B 237 3.76 -14.14 -24.32
C ASN B 237 4.44 -12.84 -24.45
N ASN B 238 4.44 -12.12 -23.36
CA ASN B 238 4.94 -10.81 -23.38
C ASN B 238 6.39 -10.73 -22.98
N GLN B 239 7.00 -11.81 -22.45
CA GLN B 239 8.37 -11.76 -21.96
C GLN B 239 9.35 -11.40 -23.07
N TYR B 240 10.42 -10.73 -22.69
CA TYR B 240 11.44 -10.44 -23.60
C TYR B 240 12.69 -10.37 -22.77
N VAL B 241 13.85 -10.41 -23.43
CA VAL B 241 15.14 -10.29 -22.74
C VAL B 241 16.12 -9.56 -23.62
N SER B 242 17.22 -9.06 -23.03
CA SER B 242 18.28 -8.42 -23.80
C SER B 242 19.53 -9.03 -23.27
N ILE B 243 20.47 -9.30 -24.17
CA ILE B 243 21.73 -9.91 -23.84
C ILE B 243 22.75 -9.18 -24.62
N ASP B 244 23.84 -8.76 -24.01
CA ASP B 244 24.90 -8.04 -24.75
C ASP B 244 26.18 -8.70 -24.41
N LYS B 245 27.16 -8.61 -25.29
CA LYS B 245 28.50 -9.09 -24.95
C LYS B 245 28.70 -10.53 -24.52
N PHE B 246 27.91 -11.42 -25.08
CA PHE B 246 28.01 -12.82 -24.72
C PHE B 246 29.39 -13.43 -24.97
N ARG B 247 29.98 -14.07 -23.98
CA ARG B 247 31.38 -14.44 -24.13
C ARG B 247 31.77 -15.78 -23.44
N ILE B 248 32.72 -16.52 -24.01
CA ILE B 248 33.11 -17.82 -23.41
C ILE B 248 34.60 -17.86 -23.22
N PHE B 249 35.02 -18.26 -22.02
CA PHE B 249 36.44 -18.35 -21.71
C PHE B 249 36.83 -19.83 -21.52
N CYS B 250 38.04 -20.20 -21.98
CA CYS B 250 38.53 -21.57 -21.83
C CYS B 250 38.95 -21.88 -20.43
N LYS B 251 38.93 -20.90 -19.55
CA LYS B 251 39.27 -21.18 -18.17
C LYS B 251 38.19 -20.70 -17.25
N ALA B 252 38.21 -21.26 -16.05
CA ALA B 252 37.41 -20.73 -14.97
C ALA B 252 38.19 -19.51 -14.52
N LEU B 253 37.45 -18.43 -14.32
CA LEU B 253 38.01 -17.18 -13.92
C LEU B 253 38.04 -17.06 -12.43
N ASN B 254 39.01 -16.34 -11.91
CA ASN B 254 39.02 -16.07 -10.47
C ASN B 254 38.34 -14.70 -10.23
N PRO B 255 37.94 -14.47 -8.99
CA PRO B 255 37.17 -13.29 -8.65
C PRO B 255 37.84 -12.01 -9.16
N LYS B 256 39.10 -11.83 -8.85
CA LYS B 256 39.85 -10.71 -9.35
C LYS B 256 39.78 -10.61 -10.87
N GLU B 257 39.79 -11.73 -11.58
CA GLU B 257 39.69 -11.67 -13.04
C GLU B 257 38.28 -11.23 -13.44
N ILE B 258 37.31 -11.65 -12.64
CA ILE B 258 35.92 -11.39 -12.92
C ILE B 258 35.72 -9.91 -12.72
N GLU B 259 36.21 -9.41 -11.61
CA GLU B 259 36.15 -7.99 -11.29
C GLU B 259 36.76 -7.15 -12.42
N LYS B 260 37.89 -7.58 -12.94
CA LYS B 260 38.55 -6.78 -13.95
C LYS B 260 37.71 -6.80 -15.20
N LEU B 261 37.15 -7.96 -15.50
CA LEU B 261 36.33 -8.09 -16.69
C LEU B 261 35.14 -7.11 -16.72
N TYR B 262 34.40 -7.12 -15.62
CA TYR B 262 33.18 -6.40 -15.46
C TYR B 262 33.44 -4.95 -15.61
N THR B 263 34.47 -4.50 -14.88
CA THR B 263 34.77 -3.09 -14.83
C THR B 263 35.27 -2.61 -16.16
N SER B 264 35.71 -3.51 -17.01
CA SER B 264 36.27 -3.10 -18.29
C SER B 264 35.22 -2.58 -19.25
N TYR B 265 33.96 -2.91 -19.00
CA TYR B 265 32.91 -2.45 -19.88
C TYR B 265 32.30 -1.13 -19.41
N LEU B 266 32.74 -0.63 -18.24
CA LEU B 266 32.19 0.56 -17.60
C LEU B 266 32.96 1.91 -17.67
N SER B 267 33.46 2.32 -18.84
CA SER B 267 34.19 3.61 -18.97
C SER B 267 33.58 5.04 -18.79
N ILE B 268 33.87 5.69 -17.66
CA ILE B 268 33.53 7.11 -17.43
C ILE B 268 33.04 7.98 -18.61
N THR B 269 33.71 7.88 -19.75
CA THR B 269 33.38 8.69 -20.93
C THR B 269 31.88 8.88 -21.25
N PHE B 270 31.09 7.80 -21.21
CA PHE B 270 29.66 7.90 -21.54
C PHE B 270 28.78 7.76 -20.30
N LEU B 271 27.76 8.61 -20.16
CA LEU B 271 26.88 8.54 -19.01
C LEU B 271 25.72 7.62 -19.26
N ARG B 272 25.15 7.12 -18.16
CA ARG B 272 24.11 6.11 -18.22
C ARG B 272 22.96 6.50 -17.41
N ASP B 273 21.79 6.00 -17.81
CA ASP B 273 20.55 6.25 -17.09
C ASP B 273 20.25 5.14 -16.10
N PHE B 274 19.16 5.26 -15.40
CA PHE B 274 18.84 4.28 -14.37
C PHE B 274 18.91 2.84 -14.74
N TRP B 275 18.38 2.52 -15.89
CA TRP B 275 18.33 1.17 -16.37
C TRP B 275 19.64 0.72 -16.84
N GLY B 276 20.57 1.65 -17.01
CA GLY B 276 21.92 1.31 -17.49
C GLY B 276 22.18 1.63 -18.95
N ASN B 277 21.28 2.32 -19.62
CA ASN B 277 21.49 2.61 -21.03
C ASN B 277 22.11 3.97 -21.16
N PRO B 278 22.59 4.33 -22.34
CA PRO B 278 23.22 5.64 -22.48
C PRO B 278 22.28 6.80 -22.15
N LEU B 279 22.80 7.81 -21.46
CA LEU B 279 22.03 8.98 -21.11
C LEU B 279 21.85 9.83 -22.38
N ARG B 280 20.62 10.29 -22.64
CA ARG B 280 20.37 11.10 -23.80
C ARG B 280 19.95 12.51 -23.50
N TYR B 281 20.23 13.36 -24.49
CA TYR B 281 19.83 14.74 -24.52
C TYR B 281 18.38 14.80 -24.95
N ASP B 282 17.71 15.91 -24.67
CA ASP B 282 16.35 16.11 -25.07
C ASP B 282 15.42 15.01 -24.70
N THR B 283 15.63 14.38 -23.57
CA THR B 283 14.70 13.34 -23.21
C THR B 283 14.36 13.45 -21.70
N GLU B 284 13.15 13.00 -21.38
CA GLU B 284 12.56 13.22 -20.08
C GLU B 284 12.98 12.18 -19.06
N TYR B 285 13.47 12.65 -17.92
CA TYR B 285 13.98 11.80 -16.87
C TYR B 285 13.47 12.24 -15.53
N TYR B 286 13.13 11.30 -14.67
CA TYR B 286 12.91 11.62 -13.29
C TYR B 286 14.23 11.60 -12.51
N LEU B 287 14.43 12.55 -11.61
CA LEU B 287 15.58 12.53 -10.73
C LEU B 287 15.25 11.89 -9.41
N ILE B 288 16.13 11.01 -8.96
CA ILE B 288 16.01 10.32 -7.69
C ILE B 288 17.34 10.32 -7.09
N PRO B 289 17.50 10.70 -5.81
CA PRO B 289 18.82 10.67 -5.18
C PRO B 289 19.19 9.28 -4.74
N VAL B 290 20.39 8.91 -5.15
CA VAL B 290 20.94 7.62 -4.86
C VAL B 290 20.98 7.36 -3.41
N ALA B 291 21.25 8.41 -2.65
CA ALA B 291 21.44 8.30 -1.22
C ALA B 291 20.17 8.34 -0.44
N SER B 292 19.03 8.55 -1.10
CA SER B 292 17.71 8.36 -0.49
C SER B 292 16.79 7.93 -1.60
N SER B 293 16.79 6.65 -1.95
CA SER B 293 16.15 6.22 -3.19
C SER B 293 14.61 6.29 -3.19
N SER B 294 14.06 6.48 -2.00
CA SER B 294 12.65 6.52 -1.80
C SER B 294 12.02 7.90 -1.84
N LYS B 295 12.77 8.92 -2.28
CA LYS B 295 12.26 10.27 -2.44
C LYS B 295 12.14 10.68 -3.92
N ASP B 296 11.18 11.59 -4.15
CA ASP B 296 10.93 12.08 -5.44
C ASP B 296 11.22 13.55 -5.29
N VAL B 297 11.47 14.23 -6.41
CA VAL B 297 11.71 15.69 -6.36
C VAL B 297 10.42 16.39 -6.73
N GLN B 298 10.04 17.43 -5.99
CA GLN B 298 8.86 18.20 -6.25
C GLN B 298 9.19 19.68 -6.49
N LEU B 299 8.20 20.45 -6.94
CA LEU B 299 8.42 21.86 -7.16
C LEU B 299 7.56 22.67 -6.25
N LYS B 300 8.08 23.73 -5.69
CA LYS B 300 7.27 24.59 -4.86
C LYS B 300 6.36 25.43 -5.72
N ASN B 301 6.95 26.08 -6.69
CA ASN B 301 6.22 26.93 -7.58
C ASN B 301 7.19 27.34 -8.63
N ILE B 302 6.74 27.82 -9.77
CA ILE B 302 7.66 28.38 -10.75
C ILE B 302 8.39 29.56 -10.15
N THR B 303 9.66 29.67 -10.48
CA THR B 303 10.59 30.69 -10.00
C THR B 303 11.22 30.25 -8.72
N ASP B 304 10.60 29.32 -8.03
CA ASP B 304 11.03 28.89 -6.73
C ASP B 304 11.77 27.54 -6.69
N TYR B 305 11.76 26.93 -5.49
CA TYR B 305 12.64 25.83 -5.21
C TYR B 305 12.04 24.46 -5.33
N MET B 306 12.90 23.44 -5.37
CA MET B 306 12.53 22.03 -5.47
C MET B 306 12.92 21.36 -4.13
N TYR B 307 12.11 20.39 -3.71
CA TYR B 307 12.33 19.63 -2.50
C TYR B 307 11.93 18.13 -2.71
N LEU B 308 12.27 17.28 -1.76
CA LEU B 308 12.01 15.87 -1.85
C LEU B 308 10.74 15.49 -1.19
N THR B 309 10.12 14.44 -1.69
CA THR B 309 8.96 13.89 -1.05
C THR B 309 9.05 12.42 -1.12
N ASN B 310 8.32 11.79 -0.23
CA ASN B 310 8.24 10.38 -0.13
C ASN B 310 7.37 9.84 -1.22
N ALA B 311 7.97 8.95 -1.99
CA ALA B 311 7.27 8.29 -3.04
C ALA B 311 6.39 7.21 -2.47
N PRO B 312 5.33 6.91 -3.18
CA PRO B 312 4.48 5.84 -2.74
C PRO B 312 5.17 4.51 -3.13
N SER B 313 4.72 3.49 -2.45
CA SER B 313 5.23 2.18 -2.60
C SER B 313 4.17 1.14 -3.02
N TYR B 314 4.63 -0.01 -3.50
CA TYR B 314 3.78 -1.15 -3.75
C TYR B 314 4.39 -2.32 -3.01
N THR B 315 3.59 -3.05 -2.24
CA THR B 315 4.08 -4.24 -1.57
C THR B 315 3.18 -5.42 -1.84
N ASN B 316 3.79 -6.59 -2.01
CA ASN B 316 3.01 -7.80 -2.20
C ASN B 316 3.72 -8.98 -1.56
N GLY B 317 3.33 -9.30 -0.33
CA GLY B 317 3.94 -10.37 0.42
C GLY B 317 3.78 -11.74 -0.20
N LYS B 318 2.58 -12.04 -0.65
CA LYS B 318 2.37 -13.35 -1.24
C LYS B 318 3.38 -13.60 -2.35
N LEU B 319 3.77 -12.56 -3.05
CA LEU B 319 4.65 -12.76 -4.18
C LEU B 319 6.08 -12.35 -3.86
N ASN B 320 6.33 -11.91 -2.64
CA ASN B 320 7.67 -11.53 -2.22
C ASN B 320 8.22 -10.41 -3.08
N ILE B 321 7.48 -9.31 -3.21
CA ILE B 321 7.98 -8.14 -3.94
C ILE B 321 7.55 -6.82 -3.33
N TYR B 322 8.41 -5.81 -3.35
CA TYR B 322 7.95 -4.47 -3.01
C TYR B 322 8.84 -3.50 -3.74
N TYR B 323 8.44 -2.24 -3.85
CA TYR B 323 9.28 -1.18 -4.45
C TYR B 323 8.65 0.17 -4.35
N ARG B 324 9.49 1.18 -4.25
CA ARG B 324 9.06 2.54 -4.37
C ARG B 324 8.52 2.61 -5.80
N ARG B 325 7.39 3.27 -6.01
CA ARG B 325 6.79 3.34 -7.33
C ARG B 325 7.57 4.41 -8.06
N LEU B 326 7.59 4.34 -9.39
CA LEU B 326 8.35 5.25 -10.17
C LEU B 326 7.45 6.13 -10.96
N TYR B 327 8.03 7.17 -11.54
CA TYR B 327 7.34 8.13 -12.37
C TYR B 327 6.49 9.22 -11.69
N ASN B 328 6.66 9.52 -10.41
CA ASN B 328 6.05 10.75 -9.87
C ASN B 328 7.16 11.78 -9.65
N GLY B 329 6.82 13.05 -9.64
CA GLY B 329 7.82 14.08 -9.42
C GLY B 329 8.11 14.84 -10.69
N LEU B 330 9.08 15.73 -10.68
CA LEU B 330 9.39 16.52 -11.84
C LEU B 330 9.99 15.76 -13.01
N LYS B 331 9.76 16.26 -14.22
CA LYS B 331 10.35 15.66 -15.40
C LYS B 331 11.41 16.66 -15.79
N PHE B 332 12.64 16.19 -16.01
CA PHE B 332 13.76 17.05 -16.37
C PHE B 332 14.23 16.69 -17.76
N ILE B 333 14.80 17.68 -18.49
CA ILE B 333 15.30 17.46 -19.82
C ILE B 333 16.69 18.04 -19.89
N ILE B 334 17.61 17.34 -20.55
CA ILE B 334 18.99 17.76 -20.71
C ILE B 334 19.25 18.29 -22.10
N LYS B 335 19.52 19.59 -22.19
CA LYS B 335 19.87 20.24 -23.45
C LYS B 335 21.35 20.54 -23.36
N ARG B 336 22.01 20.59 -24.50
CA ARG B 336 23.42 20.91 -24.52
C ARG B 336 23.59 22.36 -24.23
N TYR B 337 24.65 22.76 -23.53
CA TYR B 337 24.94 24.16 -23.29
C TYR B 337 25.24 24.89 -24.57
N THR B 338 25.93 24.19 -25.44
CA THR B 338 26.36 24.70 -26.73
C THR B 338 25.68 23.87 -27.78
N PRO B 339 25.23 24.51 -28.85
CA PRO B 339 24.52 23.77 -29.89
C PRO B 339 25.40 22.80 -30.63
N ASN B 340 24.79 21.65 -30.84
CA ASN B 340 25.38 20.46 -31.42
C ASN B 340 25.91 20.57 -32.82
N ASN B 341 27.11 21.10 -32.97
CA ASN B 341 27.72 21.06 -34.28
C ASN B 341 28.08 19.59 -34.44
N GLU B 342 28.62 19.04 -33.36
CA GLU B 342 28.80 17.61 -33.21
C GLU B 342 27.39 17.03 -33.04
N ILE B 343 26.93 16.24 -34.01
CA ILE B 343 25.64 15.55 -33.86
C ILE B 343 25.98 14.18 -33.25
N ASP B 344 25.34 13.90 -32.12
CA ASP B 344 25.63 12.73 -31.29
C ASP B 344 24.77 12.98 -30.05
N SER B 345 23.63 12.29 -29.93
CA SER B 345 22.67 12.56 -28.87
C SER B 345 22.98 11.88 -27.53
N PHE B 346 24.24 11.77 -27.22
CA PHE B 346 24.65 11.11 -25.99
C PHE B 346 25.44 12.04 -25.14
N VAL B 347 25.13 12.00 -23.85
CA VAL B 347 25.78 12.84 -22.87
C VAL B 347 27.06 12.16 -22.42
N LYS B 348 28.20 12.81 -22.66
CA LYS B 348 29.47 12.25 -22.25
C LYS B 348 29.82 12.87 -20.93
N SER B 349 30.63 12.21 -20.12
CA SER B 349 31.10 12.83 -18.88
C SER B 349 31.97 14.00 -19.27
N GLY B 350 31.85 15.12 -18.57
CA GLY B 350 32.59 16.31 -18.92
C GLY B 350 31.82 17.28 -19.79
N ASP B 351 30.69 16.88 -20.36
CA ASP B 351 29.93 17.79 -21.22
C ASP B 351 29.23 18.88 -20.43
N PHE B 352 29.04 20.02 -21.06
CA PHE B 352 28.37 21.16 -20.42
C PHE B 352 26.91 21.20 -20.85
N ILE B 353 25.99 21.36 -19.87
CA ILE B 353 24.56 21.32 -20.18
C ILE B 353 23.71 22.38 -19.53
N LYS B 354 22.48 22.51 -20.02
CA LYS B 354 21.44 23.30 -19.36
C LYS B 354 20.42 22.24 -18.88
N LEU B 355 19.88 22.40 -17.67
CA LEU B 355 18.86 21.51 -17.16
C LEU B 355 17.53 22.18 -17.04
N TYR B 356 16.50 21.53 -17.57
CA TYR B 356 15.17 22.11 -17.58
C TYR B 356 14.19 21.21 -16.85
N VAL B 357 13.14 21.84 -16.34
CA VAL B 357 12.03 21.08 -15.79
C VAL B 357 10.91 21.21 -16.78
N SER B 358 10.22 20.12 -17.05
CA SER B 358 9.06 20.13 -17.93
C SER B 358 7.77 20.12 -17.12
N TYR B 359 7.20 21.31 -16.93
CA TYR B 359 6.01 21.55 -16.09
C TYR B 359 4.91 22.23 -16.90
N ASN B 360 3.85 21.49 -17.20
CA ASN B 360 2.71 21.99 -18.00
C ASN B 360 3.02 22.61 -19.37
N ASN B 361 3.53 21.73 -20.22
CA ASN B 361 3.91 22.02 -21.59
C ASN B 361 4.88 23.17 -21.71
N ASN B 362 5.68 23.37 -20.68
CA ASN B 362 6.72 24.40 -20.73
C ASN B 362 8.02 23.91 -20.18
N GLU B 363 9.14 24.42 -20.70
CA GLU B 363 10.47 24.09 -20.19
C GLU B 363 10.94 25.25 -19.36
N HIS B 364 11.42 24.96 -18.15
CA HIS B 364 11.82 25.99 -17.23
C HIS B 364 13.18 25.61 -16.82
N ILE B 365 14.13 26.50 -17.08
CA ILE B 365 15.51 26.27 -16.76
C ILE B 365 15.78 26.24 -15.25
N VAL B 366 16.74 25.42 -14.87
CA VAL B 366 17.10 25.24 -13.49
C VAL B 366 18.33 26.07 -13.30
N GLY B 367 18.40 26.82 -12.21
CA GLY B 367 19.54 27.67 -12.01
C GLY B 367 19.68 28.27 -10.64
N TYR B 368 20.76 29.00 -10.43
CA TYR B 368 20.94 29.76 -9.22
C TYR B 368 21.03 31.19 -9.62
N PRO B 369 20.16 32.02 -9.05
CA PRO B 369 20.24 33.46 -9.28
C PRO B 369 21.21 34.14 -8.35
N LYS B 370 22.04 35.01 -8.93
CA LYS B 370 22.85 35.90 -8.16
C LYS B 370 22.14 36.36 -6.87
N ASP B 371 22.90 36.33 -5.80
CA ASP B 371 22.44 36.67 -4.47
C ASP B 371 21.20 35.94 -4.06
N GLY B 372 20.88 34.86 -4.73
CA GLY B 372 19.76 34.06 -4.30
C GLY B 372 20.01 33.45 -2.94
N ASN B 373 18.91 33.19 -2.26
CA ASN B 373 18.87 32.55 -0.96
C ASN B 373 19.73 31.32 -0.95
N ALA B 374 20.29 31.00 0.20
CA ALA B 374 21.23 29.90 0.29
C ALA B 374 21.33 29.48 1.74
N PHE B 375 21.75 28.24 1.97
CA PHE B 375 21.83 27.73 3.32
C PHE B 375 23.25 27.92 3.79
N ASN B 376 23.42 28.33 5.04
CA ASN B 376 24.74 28.65 5.61
C ASN B 376 25.61 29.34 4.63
N ASN B 377 25.03 30.10 3.76
CA ASN B 377 25.81 30.91 2.87
C ASN B 377 26.33 30.24 1.68
N LEU B 378 26.37 28.93 1.72
CA LEU B 378 27.17 28.20 0.76
C LEU B 378 26.45 27.14 -0.03
N ASP B 379 25.28 26.71 0.42
CA ASP B 379 24.45 25.77 -0.33
C ASP B 379 23.39 26.56 -1.04
N ARG B 380 23.67 26.83 -2.29
CA ARG B 380 22.88 27.71 -3.09
C ARG B 380 21.63 26.97 -3.55
N ILE B 381 20.47 27.47 -3.20
CA ILE B 381 19.21 26.84 -3.53
C ILE B 381 18.79 27.01 -4.95
N LEU B 382 18.52 25.93 -5.67
CA LEU B 382 18.22 26.04 -7.06
C LEU B 382 16.81 26.51 -7.28
N ARG B 383 16.54 27.07 -8.46
CA ARG B 383 15.23 27.65 -8.77
C ARG B 383 14.78 27.29 -10.18
N VAL B 384 13.49 27.09 -10.35
CA VAL B 384 12.99 26.65 -11.64
C VAL B 384 12.24 27.74 -12.37
N GLY B 385 12.85 28.31 -13.40
CA GLY B 385 12.17 29.33 -14.17
C GLY B 385 12.36 30.70 -13.57
N TYR B 386 13.34 30.86 -12.70
CA TYR B 386 13.54 32.15 -12.08
C TYR B 386 13.60 33.14 -13.17
N ASN B 387 12.92 34.25 -12.99
CA ASN B 387 12.75 35.23 -14.05
C ASN B 387 12.79 36.69 -13.62
N ALA B 388 13.83 37.11 -12.88
CA ALA B 388 13.90 38.48 -12.40
C ALA B 388 14.62 39.43 -13.33
N PRO B 389 13.95 40.53 -13.61
CA PRO B 389 14.51 41.61 -14.43
C PRO B 389 15.78 42.10 -13.79
N GLY B 390 16.87 42.10 -14.52
CA GLY B 390 18.09 42.63 -13.98
C GLY B 390 19.01 41.60 -13.40
N ILE B 391 18.49 40.43 -13.03
CA ILE B 391 19.28 39.47 -12.27
C ILE B 391 19.84 38.26 -13.01
N PRO B 392 21.16 38.17 -13.05
CA PRO B 392 21.86 37.05 -13.70
C PRO B 392 21.56 35.69 -13.07
N LEU B 393 21.17 34.76 -13.94
CA LEU B 393 20.76 33.46 -13.51
C LEU B 393 21.81 32.50 -13.98
N TYR B 394 22.52 31.90 -13.05
CA TYR B 394 23.57 30.95 -13.43
C TYR B 394 22.99 29.57 -13.76
N LYS B 395 23.16 29.15 -15.01
CA LYS B 395 22.60 27.88 -15.47
C LYS B 395 23.54 26.92 -16.16
N LYS B 396 24.83 27.13 -15.99
CA LYS B 396 25.80 26.30 -16.66
C LYS B 396 26.26 25.14 -15.83
N MET B 397 25.81 23.96 -16.21
CA MET B 397 26.16 22.75 -15.51
C MET B 397 27.01 21.82 -16.33
N GLU B 398 27.76 20.99 -15.64
CA GLU B 398 28.67 20.07 -16.27
C GLU B 398 28.17 18.75 -15.81
N ALA B 399 27.91 17.84 -16.72
CA ALA B 399 27.44 16.54 -16.31
C ALA B 399 28.65 15.64 -16.21
N VAL B 400 28.91 15.13 -15.02
CA VAL B 400 30.10 14.30 -14.80
C VAL B 400 29.86 13.01 -14.05
N LYS B 401 30.84 12.11 -14.14
CA LYS B 401 30.91 10.93 -13.30
C LYS B 401 32.16 11.13 -12.45
N LEU B 402 31.99 11.45 -11.19
CA LEU B 402 33.15 11.73 -10.34
C LEU B 402 33.45 10.61 -9.34
N ARG B 403 32.51 9.70 -9.12
CA ARG B 403 32.66 8.59 -8.19
C ARG B 403 31.60 7.53 -8.44
N ASP B 404 31.77 6.35 -7.84
CA ASP B 404 30.84 5.21 -7.89
C ASP B 404 30.59 4.68 -9.28
N LEU B 405 31.68 4.30 -9.95
CA LEU B 405 31.66 3.71 -11.29
C LEU B 405 30.55 2.66 -11.60
N LYS B 406 30.33 1.67 -10.74
CA LYS B 406 29.37 0.62 -11.05
C LYS B 406 27.90 1.00 -10.89
N THR B 407 27.65 2.23 -10.43
CA THR B 407 26.30 2.68 -10.23
C THR B 407 25.88 3.56 -11.40
N TYR B 408 24.67 3.37 -11.90
CA TYR B 408 24.24 4.22 -13.00
C TYR B 408 23.73 5.57 -12.48
N SER B 409 24.69 6.41 -12.04
CA SER B 409 24.39 7.67 -11.40
C SER B 409 25.15 8.79 -12.04
N VAL B 410 24.70 10.02 -11.82
CA VAL B 410 25.33 11.20 -12.37
C VAL B 410 25.53 12.26 -11.32
N GLN B 411 26.51 13.13 -11.50
CA GLN B 411 26.65 14.27 -10.65
C GLN B 411 26.58 15.42 -11.59
N LEU B 412 26.10 16.56 -11.10
CA LEU B 412 25.99 17.79 -11.89
C LEU B 412 26.70 18.88 -11.16
N LYS B 413 27.58 19.60 -11.85
CA LYS B 413 28.35 20.67 -11.23
C LYS B 413 27.87 21.99 -11.81
N LEU B 414 27.52 22.95 -10.98
CA LEU B 414 27.03 24.22 -11.49
C LEU B 414 28.12 25.25 -11.60
N TYR B 415 28.07 26.07 -12.64
CA TYR B 415 29.06 27.13 -12.84
C TYR B 415 28.42 28.49 -12.83
N ASP B 416 29.18 29.53 -12.45
CA ASP B 416 28.64 30.86 -12.57
C ASP B 416 29.02 31.45 -13.94
N ASP B 417 28.85 32.74 -14.07
CA ASP B 417 28.97 33.40 -15.37
C ASP B 417 30.40 33.54 -15.84
N LYS B 418 31.35 33.33 -14.93
CA LYS B 418 32.75 33.40 -15.30
C LYS B 418 33.54 32.19 -14.81
N ASN B 419 32.97 31.01 -15.08
CA ASN B 419 33.54 29.67 -14.88
C ASN B 419 34.15 29.29 -13.51
N ALA B 420 33.37 29.61 -12.49
CA ALA B 420 33.67 29.25 -11.13
C ALA B 420 32.59 28.27 -10.67
N SER B 421 33.00 27.33 -9.83
CA SER B 421 32.11 26.33 -9.33
C SER B 421 31.14 26.83 -8.26
N LEU B 422 29.85 26.66 -8.53
CA LEU B 422 28.82 26.97 -7.54
C LEU B 422 28.49 25.70 -6.77
N GLY B 423 29.02 24.57 -7.23
CA GLY B 423 28.93 23.29 -6.51
C GLY B 423 28.33 22.14 -7.31
N LEU B 424 28.14 21.00 -6.66
CA LEU B 424 27.41 19.88 -7.23
C LEU B 424 25.95 19.82 -6.76
N VAL B 425 25.04 19.45 -7.66
CA VAL B 425 23.67 19.43 -7.27
C VAL B 425 23.52 18.42 -6.19
N GLY B 426 22.87 18.81 -5.10
CA GLY B 426 22.58 17.89 -4.01
C GLY B 426 21.34 18.39 -3.33
N THR B 427 21.11 17.93 -2.10
CA THR B 427 20.08 18.45 -1.25
C THR B 427 20.55 18.85 0.15
N HIS B 428 19.80 19.79 0.76
CA HIS B 428 20.06 20.27 2.11
C HIS B 428 18.78 20.56 2.82
N ASN B 429 18.71 20.14 4.07
CA ASN B 429 17.53 20.32 4.90
C ASN B 429 17.46 21.67 5.52
N GLY B 430 16.32 22.33 5.42
CA GLY B 430 16.14 23.66 5.94
C GLY B 430 14.68 24.04 5.84
N GLN B 431 14.32 25.27 6.14
CA GLN B 431 12.97 25.74 5.93
C GLN B 431 12.93 27.17 5.38
N ILE B 432 11.95 27.42 4.54
CA ILE B 432 11.86 28.65 3.76
C ILE B 432 10.46 29.15 3.89
N GLY B 433 10.32 30.46 4.09
CA GLY B 433 9.05 31.14 4.23
C GLY B 433 7.94 30.34 4.87
N ASN B 434 8.14 29.86 6.06
CA ASN B 434 7.02 29.20 6.71
C ASN B 434 6.47 27.99 5.94
N ASP B 435 7.16 27.54 4.91
CA ASP B 435 6.83 26.25 4.36
C ASP B 435 7.41 25.32 5.42
N PRO B 436 7.04 24.06 5.40
CA PRO B 436 7.67 23.07 6.28
C PRO B 436 9.14 22.82 6.03
N ASN B 437 9.72 22.11 6.97
CA ASN B 437 11.09 21.65 6.91
C ASN B 437 11.24 20.60 5.81
N ARG B 438 12.17 20.79 4.87
CA ARG B 438 12.28 19.96 3.69
C ARG B 438 13.68 19.70 3.24
N ASP B 439 13.89 18.64 2.49
CA ASP B 439 15.19 18.46 1.84
C ASP B 439 15.09 19.11 0.49
N ILE B 440 15.89 20.17 0.33
CA ILE B 440 15.85 21.13 -0.78
C ILE B 440 17.08 21.01 -1.67
N LEU B 441 16.85 21.13 -2.95
CA LEU B 441 17.87 20.98 -3.94
C LEU B 441 18.69 22.21 -3.88
N ILE B 442 19.98 21.99 -3.73
CA ILE B 442 20.95 23.09 -3.65
C ILE B 442 22.12 22.75 -4.54
N ALA B 443 23.04 23.71 -4.66
CA ALA B 443 24.32 23.41 -5.33
C ALA B 443 25.28 23.80 -4.30
N SER B 444 26.26 22.93 -4.02
CA SER B 444 27.23 23.20 -2.97
C SER B 444 28.65 22.69 -3.22
N ASN B 445 29.66 23.40 -2.75
CA ASN B 445 30.99 23.00 -3.01
C ASN B 445 31.46 22.13 -1.90
N TRP B 446 30.57 21.81 -0.99
CA TRP B 446 30.92 20.93 0.11
C TRP B 446 31.20 19.45 -0.26
N TYR B 447 30.49 18.96 -1.26
CA TYR B 447 30.56 17.57 -1.68
C TYR B 447 31.97 17.22 -2.13
N PHE B 448 32.68 18.19 -2.69
CA PHE B 448 34.09 17.99 -3.09
C PHE B 448 34.98 17.52 -1.94
N ASN B 449 34.72 17.95 -0.72
CA ASN B 449 35.47 17.42 0.43
C ASN B 449 34.97 16.02 0.88
N HIS B 450 34.08 15.36 0.15
CA HIS B 450 33.51 14.11 0.67
C HIS B 450 33.27 13.05 -0.38
N LEU B 451 33.99 13.20 -1.50
CA LEU B 451 33.86 12.35 -2.67
C LEU B 451 34.32 10.92 -2.54
N LYS B 452 34.71 10.49 -1.35
CA LYS B 452 35.12 9.13 -1.16
C LYS B 452 34.15 8.46 -0.26
N ASP B 453 33.18 9.20 0.25
CA ASP B 453 32.14 8.60 1.04
C ASP B 453 31.44 7.55 0.23
N LYS B 454 30.99 6.54 0.94
CA LYS B 454 30.36 5.42 0.30
C LYS B 454 29.08 5.86 -0.36
N ILE B 455 28.28 6.58 0.41
CA ILE B 455 27.01 7.06 -0.01
C ILE B 455 27.07 8.55 0.09
N LEU B 456 26.66 9.26 -0.96
CA LEU B 456 26.77 10.71 -1.06
C LEU B 456 25.60 11.41 -1.76
N GLY B 457 25.13 12.51 -1.16
CA GLY B 457 23.93 13.20 -1.61
C GLY B 457 23.94 13.88 -2.98
N CYS B 458 25.06 13.90 -3.69
CA CYS B 458 25.14 14.55 -4.98
C CYS B 458 25.06 13.60 -6.14
N ASP B 459 24.64 12.37 -5.90
CA ASP B 459 24.52 11.37 -6.95
C ASP B 459 23.11 11.19 -7.33
N TRP B 460 22.82 11.29 -8.63
CA TRP B 460 21.49 11.15 -9.14
C TRP B 460 21.32 10.03 -10.14
N TYR B 461 20.20 9.34 -9.97
CA TYR B 461 19.68 8.42 -10.97
C TYR B 461 18.77 9.27 -11.88
N PHE B 462 18.95 9.15 -13.17
CA PHE B 462 18.04 9.79 -14.13
C PHE B 462 17.16 8.67 -14.60
N VAL B 463 15.87 8.72 -14.31
CA VAL B 463 14.98 7.63 -14.64
C VAL B 463 13.97 7.91 -15.74
N PRO B 464 14.12 7.28 -16.89
CA PRO B 464 13.12 7.39 -17.94
C PRO B 464 12.04 6.37 -17.84
N THR B 465 10.88 6.69 -18.35
CA THR B 465 9.83 5.71 -18.41
C THR B 465 10.22 4.59 -19.34
N ASP B 466 9.93 3.39 -18.91
CA ASP B 466 10.29 2.24 -19.67
C ASP B 466 9.22 1.16 -19.68
N GLU B 467 9.08 0.48 -20.79
CA GLU B 467 8.07 -0.56 -20.80
C GLU B 467 8.42 -1.75 -19.93
N GLY B 468 9.69 -1.84 -19.54
CA GLY B 468 10.14 -2.88 -18.63
C GLY B 468 9.77 -2.62 -17.19
N TRP B 469 9.29 -1.43 -16.89
CA TRP B 469 8.85 -1.16 -15.55
C TRP B 469 7.60 -0.36 -15.62
N THR B 470 6.54 -0.99 -15.11
CA THR B 470 5.26 -0.36 -14.91
C THR B 470 4.91 -0.60 -13.48
N ASN B 471 4.28 0.35 -12.79
CA ASN B 471 3.88 0.11 -11.41
C ASN B 471 2.67 -0.81 -11.33
N ASP B 472 2.67 -1.70 -10.37
CA ASP B 472 1.51 -2.54 -10.22
C ASP B 472 0.38 -1.77 -9.57
C2 BGC C . -10.05 29.83 43.76
C3 BGC C . -11.15 29.87 42.75
C4 BGC C . -12.50 29.91 43.43
C5 BGC C . -12.56 31.02 44.46
C6 BGC C . -13.87 31.02 45.24
C1 BGC C . -10.26 30.92 44.74
O1 BGC C . -9.31 30.64 45.72
O2 BGC C . -8.86 30.05 43.05
O3 BGC C . -10.96 28.68 42.05
O4 BGC C . -13.14 29.81 42.28
O5 BGC C . -11.51 30.74 45.33
O6 BGC C . -14.05 29.81 45.94
C1 GAL C . -14.46 29.43 42.46
C2 GAL C . -15.23 29.69 41.18
C3 GAL C . -16.66 29.27 41.40
C4 GAL C . -16.67 27.80 41.76
C5 GAL C . -15.90 27.69 43.07
C6 GAL C . -15.91 26.31 43.73
O2 GAL C . -15.22 31.03 40.78
O3 GAL C . -17.63 29.88 40.73
O4 GAL C . -16.15 26.80 41.04
O5 GAL C . -14.57 28.08 42.83
O6 GAL C . -17.18 25.79 43.95
C1 NGA C . -16.68 25.69 40.31
C2 NGA C . -15.96 25.48 38.99
C3 NGA C . -16.40 24.19 38.30
C4 NGA C . -16.20 23.07 39.29
C5 NGA C . -16.94 23.35 40.57
C6 NGA C . -16.76 22.25 41.60
C7 NGA C . -15.18 27.25 37.51
C8 NGA C . -13.79 26.82 37.73
N2 NGA C . -16.16 26.55 38.05
O3 NGA C . -15.78 23.83 37.18
O4 NGA C . -14.81 23.07 39.52
O5 NGA C . -16.46 24.56 41.15
O6 NGA C . -17.87 21.36 41.56
O7 NGA C . -15.36 28.24 36.83
C1 GAL C . -16.05 22.94 36.13
C2 GAL C . -15.65 23.56 34.78
C3 GAL C . -15.97 22.53 33.70
C4 GAL C . -15.30 21.21 33.99
C5 GAL C . -15.67 20.74 35.37
C6 GAL C . -14.87 19.48 35.68
O2 GAL C . -16.35 24.74 34.48
O3 GAL C . -15.40 22.89 32.42
O4 GAL C . -13.88 21.32 33.88
O5 GAL C . -15.33 21.74 36.29
O6 GAL C . -14.48 19.51 37.04
C1 SIA C . -16.97 21.96 31.19
C2 SIA C . -16.04 22.89 31.10
C3 SIA C . -14.80 22.62 30.36
C4 SIA C . -15.14 23.27 29.03
C5 SIA C . -15.58 24.73 29.19
C6 SIA C . -16.77 24.81 30.14
C7 SIA C . -17.31 26.23 30.39
C8 SIA C . -18.55 26.23 31.27
C9 SIA C . -19.59 27.30 30.93
C10 SIA C . -16.15 26.53 27.63
C11 SIA C . -16.67 26.88 26.27
N5 SIA C . -15.86 25.24 27.86
O1A SIA C . -16.61 20.82 31.35
O1B SIA C . -18.16 22.28 31.10
O4 SIA C . -14.02 23.30 28.17
O6 SIA C . -16.33 24.25 31.36
O7 SIA C . -16.33 27.01 31.07
O8 SIA C . -19.23 24.98 31.14
O9 SIA C . -19.44 27.74 29.55
O10 SIA C . -16.00 27.39 28.48
C1 SLB C . -19.34 28.42 40.31
C2 SLB C . -19.02 29.85 40.48
C3 SLB C . -19.75 30.52 41.62
C4 SLB C . -19.57 32.04 41.51
C5 SLB C . -20.06 32.57 40.15
C6 SLB C . -19.33 31.78 39.05
C7 SLB C . -19.91 32.10 37.70
C8 SLB C . -18.94 31.56 36.66
C9 SLB C . -19.21 30.15 36.17
C10 SLB C . -20.94 34.71 40.06
C11 SLB C . -20.88 35.85 41.02
N5 SLB C . -19.87 34.00 39.80
O1A SLB C . -19.34 27.67 41.26
O1B SLB C . -19.52 28.02 39.17
O4 SLB C . -20.28 32.52 42.61
O6 SLB C . -19.41 30.39 39.22
O7 SLB C . -21.20 31.52 37.57
O8 SLB C . -18.93 32.30 35.46
O9 SLB C . -18.72 29.21 37.10
O10 SLB C . -22.00 34.33 39.63
C1 SIA C . -17.95 34.23 36.10
C2 SIA C . -18.09 33.42 35.03
C3 SIA C . -19.03 33.68 33.90
C4 SIA C . -18.14 34.50 32.99
C5 SIA C . -16.81 33.81 32.69
C6 SIA C . -16.12 33.40 33.98
C7 SIA C . -14.77 32.73 33.83
C8 SIA C . -14.32 32.30 35.22
C9 SIA C . -12.99 31.55 35.13
C10 SIA C . -15.43 34.20 30.76
C11 SIA C . -14.66 35.17 29.91
N5 SIA C . -15.96 34.66 31.88
O1A SIA C . -18.80 35.07 36.37
O1B SIA C . -16.92 34.14 36.79
O4 SIA C . -18.81 34.68 31.78
O6 SIA C . -16.99 32.53 34.70
O7 SIA C . -14.85 31.59 32.98
O8 SIA C . -14.23 33.44 36.07
O9 SIA C . -13.16 30.43 34.27
O10 SIA C . -15.59 33.03 30.42
C2 BGC D . 26.29 27.07 15.01
C3 BGC D . 26.51 25.80 14.18
C4 BGC D . 27.93 25.73 13.63
C5 BGC D . 28.92 26.01 14.74
C6 BGC D . 30.34 26.02 14.19
C1 BGC D . 27.44 27.24 16.04
O1 BGC D . 27.38 28.42 16.81
O2 BGC D . 25.00 26.93 15.59
O3 BGC D . 25.61 25.70 13.10
O4 BGC D . 28.39 24.88 12.73
O5 BGC D . 28.63 27.26 15.30
O6 BGC D . 30.45 27.22 13.45
C1 GAL D . 29.19 24.91 11.60
C2 GAL D . 29.25 23.50 11.09
C3 GAL D . 30.13 23.46 9.85
C4 GAL D . 29.49 24.39 8.83
C5 GAL D . 29.50 25.77 9.44
C6 GAL D . 29.02 26.83 8.47
O2 GAL D . 29.78 22.70 12.13
O3 GAL D . 30.64 22.23 9.90
O4 GAL D . 28.43 23.59 8.70
O5 GAL D . 28.72 25.79 10.61
O6 GAL D . 27.78 27.29 8.93
C1 NGA D . 28.29 22.90 7.46
C2 NGA D . 27.05 22.03 7.53
C3 NGA D . 26.80 21.47 6.14
C4 NGA D . 26.71 22.60 5.11
C5 NGA D . 28.06 23.32 5.12
C6 NGA D . 28.21 24.47 4.11
C7 NGA D . 26.26 20.57 9.35
C8 NGA D . 26.26 19.23 10.03
N2 NGA D . 27.16 20.90 8.43
O3 NGA D . 25.74 20.73 5.92
O4 NGA D . 25.65 23.47 5.45
O5 NGA D . 28.21 23.86 6.42
O6 NGA D . 28.60 24.01 2.83
O7 NGA D . 25.40 21.37 9.65
C1 GAL D . 25.76 19.65 5.00
C2 GAL D . 24.70 18.66 5.40
C3 GAL D . 24.60 17.51 4.39
C4 GAL D . 24.39 18.12 3.00
C5 GAL D . 25.41 19.22 2.73
C6 GAL D . 25.12 19.98 1.45
O2 GAL D . 24.99 18.20 6.68
O3 GAL D . 23.84 16.61 5.03
O4 GAL D . 23.09 18.68 2.97
O5 GAL D . 25.47 20.18 3.75
O6 GAL D . 24.33 21.10 1.68
C1 SIA D . 23.79 15.04 3.73
C2 SIA D . 23.60 15.15 5.03
C3 SIA D . 22.25 15.08 5.64
C4 SIA D . 22.12 13.57 5.78
C5 SIA D . 23.25 13.05 6.69
C6 SIA D . 24.60 13.44 6.06
C7 SIA D . 25.77 13.02 6.92
C8 SIA D . 27.08 13.56 6.34
C9 SIA D . 28.30 12.63 6.26
C10 SIA D . 22.72 11.02 7.99
C11 SIA D . 22.80 9.51 8.05
N5 SIA D . 23.13 11.61 6.84
O1A SIA D . 22.88 14.86 2.94
O1B SIA D . 24.91 15.07 3.31
O4 SIA D . 20.83 13.23 6.25
O6 SIA D . 24.65 14.86 5.91
O7 SIA D . 25.48 13.58 8.20
O8 SIA D . 26.74 13.95 4.99
O9 SIA D . 29.43 13.42 6.55
O10 SIA D . 22.31 11.63 8.95
C1 SLB D . 31.26 21.74 7.84
C2 SLB D . 31.77 21.71 9.21
C3 SLB D . 33.07 22.48 9.44
C4 SLB D . 33.60 22.23 10.85
C5 SLB D . 33.86 20.73 11.12
C6 SLB D . 32.53 20.06 10.74
C7 SLB D . 32.66 18.55 10.73
C8 SLB D . 31.24 17.96 10.81
C9 SLB D . 30.34 17.81 9.59
C10 SLB D . 35.39 19.64 12.52
C11 SLB D . 36.45 20.18 13.44
N5 SLB D . 34.17 20.21 12.46
O1A SLB D . 31.15 22.78 7.23
O1B SLB D . 30.91 20.67 7.35
O4 SLB D . 34.69 23.12 10.87
O6 SLB D . 32.14 20.36 9.44
O7 SLB D . 33.45 18.22 9.60
O8 SLB D . 31.47 16.65 11.29
O9 SLB D . 30.88 18.29 8.37
O10 SLB D . 35.72 18.77 11.73
C1 SIA D . 31.87 16.59 13.11
C2 SIA D . 31.03 15.82 12.46
C3 SIA D . 31.31 14.41 12.08
C4 SIA D . 30.69 13.67 13.24
C5 SIA D . 29.23 14.01 13.42
C6 SIA D . 29.08 15.51 13.61
C7 SIA D . 27.64 15.88 13.75
C8 SIA D . 27.58 17.41 13.87
C9 SIA D . 26.62 17.77 14.97
C10 SIA D . 27.60 12.63 14.59
C11 SIA D . 27.22 11.93 15.87
N5 SIA D . 28.76 13.30 14.59
O1A SIA D . 32.80 16.15 13.75
O1B SIA D . 31.65 17.79 13.02
O4 SIA D . 30.84 12.31 12.97
O6 SIA D . 29.65 16.14 12.47
O7 SIA D . 27.00 15.37 12.59
O8 SIA D . 28.89 17.83 14.25
O9 SIA D . 25.87 18.77 14.39
O10 SIA D . 26.88 12.62 13.61
SI1 CEQ E . -6.40 33.24 46.07
SI1 CEQ E . -9.64 30.85 49.00
C2 CEQ E . -5.63 32.90 47.63
C2 CEQ E . -11.11 29.87 48.80
C3 CEQ E . -6.00 34.91 45.53
C3 CEQ E . -9.60 31.59 50.62
C4 CEQ E . -5.80 32.10 44.82
C4 CEQ E . -8.19 29.83 48.82
C5 CEQ E . -8.17 33.19 46.21
C5 CEQ E . -9.63 32.21 47.83
C6 CEQ E . -8.72 31.83 45.84
C6 CEQ E . -9.32 31.73 46.43
P PO4 F . 24.92 -36.52 -24.94
O1 PO4 F . 24.69 -37.29 -26.20
O2 PO4 F . 26.24 -35.77 -25.04
O3 PO4 F . 24.98 -37.36 -23.70
O4 PO4 F . 23.77 -35.58 -24.70
SI1 CEQ G . 26.03 29.61 19.29
SI1 CEQ G . 26.56 31.73 17.14
C2 CEQ G . 25.05 28.14 19.03
C2 CEQ G . 27.48 32.98 18.03
C3 CEQ G . 25.09 30.85 20.15
C3 CEQ G . 24.81 32.04 17.31
C4 CEQ G . 27.44 29.17 20.29
C4 CEQ G . 27.02 31.83 15.41
C5 CEQ G . 26.53 30.26 17.70
C5 CEQ G . 26.89 30.11 17.83
C6 CEQ G . 27.83 29.62 17.22
C6 CEQ G . 28.14 29.45 17.26
#